data_3AR4
#
_entry.id   3AR4
#
_cell.length_a   71.381
_cell.length_b   71.381
_cell.length_c   590.690
_cell.angle_alpha   90.00
_cell.angle_beta   90.00
_cell.angle_gamma   90.00
#
_symmetry.space_group_name_H-M   'P 41 21 2'
#
loop_
_entity.id
_entity.type
_entity.pdbx_description
1 polymer 'Sarcoplasmic/endoplasmic reticulum calcium ATPase 1'
2 non-polymer "ADENOSINE-5'-TRIPHOSPHATE"
3 non-polymer 'MAGNESIUM ION'
4 non-polymer 'SODIUM ION'
5 non-polymer 'OCTANOIC ACID [3S-[3ALPHA, 3ABETA, 4ALPHA, 6BETA, 6ABETA, 7BETA, 8ALPHA(Z), 9BALPHA]]-6-(ACETYLOXY)-2,3,-3A,4,5,6,6A,7,8,9B-DECAHYDRO-3,3A-DIHYDROXY-3,6,9-TRIMETHYL-8-[(2-METHYL-1-OXO-2-BUTENYL)OX Y]-2-OXO-4-(1-OXOBUTOXY)-AZULENO[4,5-B]FURAN-7-YL ESTER'
6 non-polymer PHOSPHATIDYLETHANOLAMINE
7 water water
#
_entity_poly.entity_id   1
_entity_poly.type   'polypeptide(L)'
_entity_poly.pdbx_seq_one_letter_code
;(ACE)MEAAHSKSTEECLAYFGVSETTGLTPDQVKRHLEKYGHNELPAEEGKSLWELVIEQFEDLLVRILLLAACISFVL
AWFEEGEETITAFVEPFVILLILIANAIVGVWQERNAENAIEALKEYEPEMGKVYRADRKSVQRIKARDIVPGDIVEVAV
GDKVPADIRILSIKSTTLRVDQSILTGESVSVIKHTEPVPDPRAVNQDKKNMLFSGTNIAAGKALGIVATTGVSTEIGKI
RDQMAATEQDKTPLQQKLDEFGEQLSKVISLICVAVWLINIGHFNDPVHGGSWIRGAIYYFKIAVALAVAAIPEGLPAVI
TTCLALGTRRMAKKNAIVRSLPSVETLGCTSVICSDKTGTLTTNQMSVCKMFIIDKVDGDFCSLNEFSITGSTYAPEGEV
LKNDKPIRSGQFDGLVELATICALCNDSSLDFNETKGVYEKVGEATETALTTLVEKMNVFNTEVRNLSKVERANACNSVI
RQLMKKEFTLEFSRDRKSMSVYCSPAKSSRAAVGNKMFVKGAPEGVIDRCNYVRVGTTRVPMTGPVKEKILSVIKEWGTG
RDTLRCLALATRDTPPKREEMVLDDSSRFMEYETDLTFVGVVGMLDPPRKEVMGSIQLCRDAGIRVIMITGDNKGTAIAI
CRRIGIFGENEEVADRAYTGREFDDLPLAEQREACRRACCFARVEPSHKSKIVEYLQSYDEITAMTGDGVNDAPALKKAE
IGIAMGSGTAVAKTASEMVLADDNFSTIVAAVEEGRAIYNNMKQFIRYLISSNVGEVVCIFLTAALGLPEALIPVQLLWV
NLVTDGLPATALGFNPPDLDIMDRPPRSPKEPLISGWLFFRYMAIGGYVGAATVGAAAWWFMYAEDGPGVTYHQLTHFMQ
CTEDHPHFEGLDCEIFEAPEPMTMALSVLVTIEMCNALNSLSENQSLMRMPPWVNIWLLGSICLSMSLHFLILYVDPLPM
IFKLKALDLTQWLMVLKISLPVIGLDEILKFIARNYLEG
;
_entity_poly.pdbx_strand_id   A
#
# COMPACT_ATOMS: atom_id res chain seq x y z
N MET A 2 9.36 -7.96 32.78
CA MET A 2 9.87 -9.30 32.50
C MET A 2 9.63 -9.71 31.06
N GLU A 3 10.56 -9.37 30.18
CA GLU A 3 10.42 -9.72 28.77
C GLU A 3 10.30 -11.23 28.54
N ALA A 4 10.98 -12.01 29.37
CA ALA A 4 10.98 -13.45 29.22
C ALA A 4 9.97 -14.21 30.10
N ALA A 5 8.91 -13.54 30.53
CA ALA A 5 7.93 -14.19 31.40
C ALA A 5 7.36 -15.54 30.95
N HIS A 6 7.14 -15.71 29.65
CA HIS A 6 6.56 -16.95 29.12
C HIS A 6 7.35 -18.21 29.46
N SER A 7 8.68 -18.07 29.53
CA SER A 7 9.55 -19.19 29.85
C SER A 7 9.77 -19.40 31.36
N LYS A 8 9.23 -18.50 32.17
CA LYS A 8 9.35 -18.61 33.62
C LYS A 8 8.10 -19.28 34.21
N SER A 9 8.26 -19.96 35.33
CA SER A 9 7.11 -20.59 35.98
C SER A 9 6.37 -19.41 36.63
N THR A 10 5.15 -19.65 37.07
CA THR A 10 4.35 -18.63 37.72
C THR A 10 5.00 -18.20 39.05
N GLU A 11 5.56 -19.16 39.77
CA GLU A 11 6.23 -18.88 41.04
C GLU A 11 7.43 -17.97 40.78
N GLU A 12 8.21 -18.26 39.74
CA GLU A 12 9.36 -17.40 39.43
C GLU A 12 8.95 -15.98 39.01
N CYS A 13 7.79 -15.81 38.38
CA CYS A 13 7.39 -14.46 37.99
C CYS A 13 6.96 -13.69 39.24
N LEU A 14 6.32 -14.39 40.17
CA LEU A 14 5.88 -13.76 41.42
C LEU A 14 7.09 -13.37 42.27
N ALA A 15 8.10 -14.23 42.28
CA ALA A 15 9.32 -13.97 43.06
C ALA A 15 10.12 -12.80 42.45
N TYR A 16 10.13 -12.71 41.13
CA TYR A 16 10.87 -11.64 40.48
C TYR A 16 10.35 -10.27 40.91
N PHE A 17 9.04 -10.11 40.94
CA PHE A 17 8.53 -8.82 41.34
C PHE A 17 8.30 -8.69 42.84
N GLY A 18 8.45 -9.79 43.57
CA GLY A 18 8.22 -9.73 45.00
C GLY A 18 6.78 -9.38 45.34
N VAL A 19 5.84 -10.02 44.64
CA VAL A 19 4.42 -9.74 44.89
C VAL A 19 3.72 -11.03 45.27
N SER A 20 2.62 -10.93 46.00
CA SER A 20 1.88 -12.11 46.40
C SER A 20 0.63 -12.18 45.54
N GLU A 21 0.33 -13.37 45.05
CA GLU A 21 -0.82 -13.57 44.18
C GLU A 21 -2.15 -13.26 44.85
N THR A 22 -2.24 -13.43 46.16
CA THR A 22 -3.50 -13.17 46.85
C THR A 22 -3.68 -11.77 47.44
N THR A 23 -2.69 -10.89 47.32
CA THR A 23 -2.86 -9.53 47.83
C THR A 23 -2.48 -8.48 46.79
N GLY A 24 -1.52 -8.80 45.95
CA GLY A 24 -1.10 -7.84 44.95
C GLY A 24 -0.06 -6.88 45.51
N LEU A 25 0.32 -5.89 44.71
CA LEU A 25 1.33 -4.92 45.12
C LEU A 25 0.88 -3.97 46.22
N THR A 26 1.81 -3.61 47.08
CA THR A 26 1.54 -2.66 48.17
C THR A 26 1.63 -1.27 47.54
N PRO A 27 1.21 -0.23 48.27
CA PRO A 27 1.31 1.09 47.64
C PRO A 27 2.76 1.55 47.41
N ASP A 28 3.68 1.07 48.24
CA ASP A 28 5.08 1.47 48.04
C ASP A 28 5.59 0.80 46.76
N GLN A 29 5.16 -0.44 46.53
CA GLN A 29 5.58 -1.16 45.33
C GLN A 29 5.05 -0.46 44.11
N VAL A 30 3.77 -0.09 44.14
CA VAL A 30 3.17 0.63 43.03
C VAL A 30 3.93 1.91 42.74
N LYS A 31 4.31 2.63 43.79
CA LYS A 31 5.03 3.89 43.63
C LYS A 31 6.36 3.65 42.94
N ARG A 32 7.16 2.75 43.49
CA ARG A 32 8.46 2.44 42.93
C ARG A 32 8.38 1.84 41.51
N HIS A 33 7.42 0.94 41.27
CA HIS A 33 7.27 0.32 39.96
C HIS A 33 6.88 1.33 38.89
N LEU A 34 5.96 2.22 39.24
CA LEU A 34 5.50 3.26 38.33
C LEU A 34 6.70 4.16 38.01
N GLU A 35 7.49 4.44 39.05
CA GLU A 35 8.67 5.27 38.91
C GLU A 35 9.70 4.62 37.96
N LYS A 36 9.91 3.32 38.14
CA LYS A 36 10.88 2.57 37.34
C LYS A 36 10.44 2.25 35.90
N TYR A 37 9.18 1.84 35.73
CA TYR A 37 8.69 1.47 34.40
C TYR A 37 7.84 2.50 33.68
N GLY A 38 7.41 3.55 34.37
CA GLY A 38 6.57 4.55 33.74
C GLY A 38 5.12 4.07 33.67
N HIS A 39 4.27 4.87 33.05
CA HIS A 39 2.86 4.55 32.87
C HIS A 39 2.68 3.57 31.72
N ASN A 40 1.59 2.81 31.76
CA ASN A 40 1.29 1.80 30.76
C ASN A 40 0.54 2.44 29.58
N GLU A 41 1.29 3.04 28.67
CA GLU A 41 0.70 3.69 27.52
C GLU A 41 1.79 4.01 26.51
N LEU A 42 1.38 4.13 25.25
CA LEU A 42 2.30 4.45 24.17
C LEU A 42 2.44 5.97 24.21
N PRO A 43 3.63 6.49 23.88
CA PRO A 43 3.82 7.95 23.91
C PRO A 43 2.85 8.68 22.99
N ALA A 44 2.61 9.95 23.29
CA ALA A 44 1.70 10.76 22.49
C ALA A 44 2.41 11.35 21.30
N GLU A 45 1.67 11.50 20.19
CA GLU A 45 2.24 12.08 18.98
C GLU A 45 2.57 13.55 19.23
N GLU A 46 3.50 14.09 18.45
CA GLU A 46 3.91 15.48 18.58
C GLU A 46 2.73 16.45 18.49
N GLY A 47 2.75 17.47 19.33
CA GLY A 47 1.66 18.44 19.33
C GLY A 47 1.86 19.54 18.31
N LYS A 48 1.93 19.17 17.04
CA LYS A 48 2.11 20.13 15.96
C LYS A 48 0.98 21.18 15.99
N SER A 49 1.34 22.44 16.26
CA SER A 49 0.35 23.51 16.31
C SER A 49 -0.04 24.01 14.92
N LEU A 50 -1.22 24.60 14.84
CA LEU A 50 -1.73 25.14 13.58
C LEU A 50 -0.73 26.13 12.99
N TRP A 51 -0.09 26.91 13.85
CA TRP A 51 0.88 27.89 13.40
C TRP A 51 2.10 27.23 12.78
N GLU A 52 2.61 26.18 13.44
CA GLU A 52 3.77 25.45 12.94
C GLU A 52 3.40 24.82 11.60
N LEU A 53 2.13 24.45 11.47
CA LEU A 53 1.63 23.83 10.24
C LEU A 53 1.49 24.86 9.13
N VAL A 54 1.17 26.10 9.50
CA VAL A 54 1.03 27.17 8.52
C VAL A 54 2.39 27.65 8.05
N ILE A 55 3.39 27.60 8.93
CA ILE A 55 4.74 28.02 8.60
C ILE A 55 5.42 27.05 7.63
N GLU A 56 5.05 25.78 7.71
CA GLU A 56 5.61 24.74 6.86
C GLU A 56 5.10 24.88 5.42
N GLN A 57 3.97 25.56 5.25
CA GLN A 57 3.40 25.75 3.93
C GLN A 57 4.24 26.74 3.13
N PHE A 58 5.25 27.30 3.79
CA PHE A 58 6.14 28.27 3.15
C PHE A 58 7.61 27.89 3.30
N GLU A 59 7.88 26.59 3.37
CA GLU A 59 9.25 26.12 3.51
C GLU A 59 9.85 25.78 2.15
N ASP A 60 9.00 25.41 1.20
CA ASP A 60 9.46 25.07 -0.14
C ASP A 60 10.18 26.25 -0.79
N LEU A 61 11.24 25.95 -1.52
CA LEU A 61 12.02 26.99 -2.17
C LEU A 61 11.25 27.83 -3.18
N LEU A 62 10.36 27.20 -3.96
CA LEU A 62 9.60 27.95 -4.95
C LEU A 62 8.51 28.82 -4.34
N VAL A 63 7.92 28.39 -3.23
CA VAL A 63 6.89 29.21 -2.60
C VAL A 63 7.53 30.40 -1.91
N ARG A 64 8.77 30.24 -1.45
CA ARG A 64 9.47 31.33 -0.80
C ARG A 64 9.89 32.40 -1.81
N ILE A 65 10.25 31.96 -3.01
CA ILE A 65 10.63 32.89 -4.07
C ILE A 65 9.40 33.71 -4.44
N LEU A 66 8.25 33.04 -4.51
CA LEU A 66 7.00 33.71 -4.85
C LEU A 66 6.63 34.72 -3.76
N LEU A 67 6.91 34.36 -2.51
CA LEU A 67 6.63 35.24 -1.38
C LEU A 67 7.50 36.48 -1.53
N LEU A 68 8.78 36.28 -1.83
CA LEU A 68 9.70 37.40 -2.02
C LEU A 68 9.24 38.34 -3.13
N ALA A 69 8.77 37.77 -4.23
CA ALA A 69 8.30 38.57 -5.35
C ALA A 69 6.99 39.27 -4.99
N ALA A 70 6.24 38.66 -4.07
CA ALA A 70 4.97 39.24 -3.63
C ALA A 70 5.32 40.48 -2.82
N CYS A 71 6.43 40.43 -2.10
CA CYS A 71 6.90 41.55 -1.28
C CYS A 71 7.39 42.69 -2.16
N ILE A 72 8.24 42.39 -3.14
CA ILE A 72 8.74 43.41 -4.04
C ILE A 72 7.55 44.06 -4.75
N SER A 73 6.65 43.22 -5.24
CA SER A 73 5.45 43.68 -5.94
C SER A 73 4.68 44.63 -5.03
N PHE A 74 4.49 44.21 -3.79
CA PHE A 74 3.76 45.02 -2.81
C PHE A 74 4.45 46.37 -2.66
N VAL A 75 5.77 46.35 -2.52
CA VAL A 75 6.54 47.58 -2.37
C VAL A 75 6.37 48.49 -3.58
N LEU A 76 6.54 47.94 -4.77
CA LEU A 76 6.39 48.71 -6.01
C LEU A 76 5.00 49.33 -6.14
N ALA A 77 3.97 48.57 -5.82
CA ALA A 77 2.59 49.04 -5.91
C ALA A 77 2.32 50.02 -4.77
N TRP A 78 3.37 50.47 -4.10
CA TRP A 78 3.24 51.40 -3.00
C TRP A 78 4.16 52.59 -3.16
N PHE A 79 5.31 52.36 -3.79
CA PHE A 79 6.28 53.42 -4.02
C PHE A 79 6.04 54.04 -5.39
N GLU A 80 4.84 53.82 -5.92
CA GLU A 80 4.48 54.37 -7.23
C GLU A 80 3.75 55.69 -7.05
N GLU A 81 3.78 56.53 -8.08
CA GLU A 81 3.13 57.83 -8.04
C GLU A 81 2.18 58.02 -9.20
N GLY A 82 0.94 58.40 -8.89
CA GLY A 82 -0.06 58.60 -9.92
C GLY A 82 -1.45 58.25 -9.41
N GLU A 83 -2.47 58.53 -10.22
CA GLU A 83 -3.84 58.22 -9.81
C GLU A 83 -4.27 56.83 -10.25
N GLU A 84 -3.30 55.95 -10.50
CA GLU A 84 -3.59 54.58 -10.90
C GLU A 84 -4.11 53.79 -9.71
N THR A 85 -4.84 54.49 -8.83
CA THR A 85 -5.41 53.87 -7.64
C THR A 85 -6.50 52.87 -8.00
N ILE A 86 -7.05 52.99 -9.21
CA ILE A 86 -8.11 52.10 -9.67
C ILE A 86 -7.61 50.65 -9.70
N THR A 87 -6.30 50.49 -9.87
CA THR A 87 -5.69 49.17 -9.92
C THR A 87 -4.17 49.27 -9.82
N ALA A 88 -3.61 48.70 -8.77
CA ALA A 88 -2.17 48.74 -8.57
C ALA A 88 -1.72 47.63 -7.63
N PHE A 89 -2.52 47.37 -6.61
CA PHE A 89 -2.22 46.31 -5.65
C PHE A 89 -2.84 44.98 -6.07
N VAL A 90 -3.23 44.89 -7.34
CA VAL A 90 -3.81 43.65 -7.84
C VAL A 90 -2.72 42.58 -7.92
N GLU A 91 -1.61 42.94 -8.55
CA GLU A 91 -0.49 42.01 -8.70
C GLU A 91 -0.09 41.37 -7.37
N PRO A 92 0.28 42.17 -6.36
CA PRO A 92 0.68 41.60 -5.08
C PRO A 92 -0.44 40.80 -4.39
N PHE A 93 -1.68 41.25 -4.55
CA PHE A 93 -2.80 40.56 -3.93
C PHE A 93 -3.07 39.21 -4.58
N VAL A 94 -2.78 39.11 -5.87
CA VAL A 94 -2.99 37.87 -6.60
C VAL A 94 -1.97 36.84 -6.16
N ILE A 95 -0.70 37.25 -6.14
CA ILE A 95 0.39 36.36 -5.73
C ILE A 95 0.12 35.86 -4.32
N LEU A 96 -0.14 36.80 -3.41
CA LEU A 96 -0.42 36.47 -2.03
C LEU A 96 -1.63 35.56 -1.90
N LEU A 97 -2.66 35.85 -2.70
CA LEU A 97 -3.89 35.04 -2.67
C LEU A 97 -3.58 33.59 -3.02
N ILE A 98 -2.76 33.39 -4.05
CA ILE A 98 -2.40 32.03 -4.47
C ILE A 98 -1.63 31.37 -3.33
N LEU A 99 -0.73 32.10 -2.69
CA LEU A 99 0.05 31.56 -1.58
C LEU A 99 -0.87 31.21 -0.42
N ILE A 100 -1.89 32.02 -0.20
CA ILE A 100 -2.83 31.78 0.89
C ILE A 100 -3.65 30.53 0.59
N ALA A 101 -4.13 30.43 -0.65
CA ALA A 101 -4.91 29.28 -1.06
C ALA A 101 -4.04 28.03 -0.96
N ASN A 102 -2.76 28.20 -1.20
CA ASN A 102 -1.80 27.10 -1.14
C ASN A 102 -1.68 26.60 0.29
N ALA A 103 -1.51 27.52 1.22
CA ALA A 103 -1.38 27.17 2.63
C ALA A 103 -2.65 26.52 3.17
N ILE A 104 -3.80 27.08 2.83
CA ILE A 104 -5.07 26.52 3.30
C ILE A 104 -5.15 25.04 2.96
N VAL A 105 -4.92 24.70 1.70
CA VAL A 105 -4.96 23.31 1.27
C VAL A 105 -4.03 22.47 2.13
N GLY A 106 -2.77 22.91 2.21
CA GLY A 106 -1.79 22.19 2.99
C GLY A 106 -2.25 21.86 4.40
N VAL A 107 -2.86 22.83 5.07
CA VAL A 107 -3.35 22.65 6.42
C VAL A 107 -4.55 21.72 6.40
N TRP A 108 -5.40 21.90 5.39
CA TRP A 108 -6.59 21.08 5.23
C TRP A 108 -6.28 19.59 5.20
N GLN A 109 -5.25 19.22 4.45
CA GLN A 109 -4.85 17.81 4.35
C GLN A 109 -4.37 17.26 5.69
N GLU A 110 -3.50 18.01 6.36
CA GLU A 110 -2.98 17.59 7.66
C GLU A 110 -4.07 17.31 8.67
N ARG A 111 -5.09 18.16 8.70
CA ARG A 111 -6.19 17.98 9.65
C ARG A 111 -6.95 16.69 9.36
N ASN A 112 -7.04 16.32 8.08
CA ASN A 112 -7.75 15.11 7.68
C ASN A 112 -6.89 13.85 7.61
N ALA A 113 -5.60 14.01 7.85
CA ALA A 113 -4.68 12.88 7.81
C ALA A 113 -4.59 12.17 9.15
N GLU A 114 -4.52 10.83 9.11
CA GLU A 114 -4.41 10.04 10.33
C GLU A 114 -3.24 9.07 10.18
N ASN A 115 -2.44 8.92 11.23
CA ASN A 115 -1.29 8.02 11.16
C ASN A 115 -1.57 6.68 11.84
N ALA A 116 -0.89 5.65 11.34
CA ALA A 116 -1.06 4.30 11.87
C ALA A 116 -0.74 4.19 13.36
N ILE A 117 0.31 4.88 13.82
CA ILE A 117 0.69 4.85 15.21
C ILE A 117 -0.46 5.24 16.14
N GLU A 118 -1.16 6.33 15.80
CA GLU A 118 -2.28 6.75 16.62
C GLU A 118 -3.45 5.77 16.51
N ALA A 119 -3.44 4.94 15.48
CA ALA A 119 -4.50 3.96 15.27
C ALA A 119 -4.31 2.77 16.22
N LEU A 120 -3.06 2.57 16.68
CA LEU A 120 -2.77 1.49 17.61
C LEU A 120 -3.42 1.77 18.97
N LYS A 121 -3.42 3.03 19.38
CA LYS A 121 -3.99 3.41 20.66
C LYS A 121 -5.46 3.02 20.78
N GLU A 122 -6.04 2.58 19.68
CA GLU A 122 -7.43 2.15 19.68
C GLU A 122 -7.48 0.78 20.34
N TYR A 123 -6.32 0.14 20.41
CA TYR A 123 -6.21 -1.17 21.02
C TYR A 123 -5.89 -1.16 22.51
N GLU A 124 -5.80 0.03 23.10
CA GLU A 124 -5.55 0.09 24.54
C GLU A 124 -6.83 0.48 25.28
N PRO A 125 -7.32 -0.40 26.14
CA PRO A 125 -8.55 -0.13 26.91
C PRO A 125 -8.36 1.02 27.89
N GLU A 126 -9.45 1.67 28.24
CA GLU A 126 -9.41 2.78 29.17
C GLU A 126 -9.13 2.27 30.58
N MET A 127 -9.74 1.13 30.91
CA MET A 127 -9.64 0.54 32.23
C MET A 127 -9.12 -0.89 32.23
N GLY A 128 -8.78 -1.33 33.44
CA GLY A 128 -8.31 -2.68 33.67
C GLY A 128 -8.64 -3.02 35.11
N LYS A 129 -8.46 -4.28 35.49
CA LYS A 129 -8.76 -4.71 36.85
C LYS A 129 -7.56 -5.33 37.56
N VAL A 130 -7.26 -4.82 38.76
CA VAL A 130 -6.15 -5.37 39.53
C VAL A 130 -6.52 -5.65 40.99
N TYR A 131 -5.64 -6.38 41.64
CA TYR A 131 -5.77 -6.71 43.05
C TYR A 131 -4.52 -6.09 43.66
N ARG A 132 -4.73 -5.15 44.58
CA ARG A 132 -3.62 -4.51 45.27
C ARG A 132 -3.82 -4.61 46.79
N ALA A 133 -2.73 -4.86 47.51
CA ALA A 133 -2.73 -5.04 48.96
C ALA A 133 -3.64 -4.11 49.76
N ASP A 134 -3.77 -2.86 49.34
CA ASP A 134 -4.59 -1.88 50.04
C ASP A 134 -6.11 -2.08 49.88
N ARG A 135 -6.52 -3.27 49.48
CA ARG A 135 -7.93 -3.59 49.30
C ARG A 135 -8.12 -5.08 49.08
N LYS A 136 -9.13 -5.62 49.77
CA LYS A 136 -9.45 -7.05 49.69
C LYS A 136 -10.00 -7.45 48.33
N SER A 137 -10.90 -6.62 47.80
CA SER A 137 -11.55 -6.90 46.53
C SER A 137 -10.90 -6.23 45.31
N VAL A 138 -11.14 -6.82 44.14
CA VAL A 138 -10.60 -6.30 42.89
C VAL A 138 -11.06 -4.88 42.69
N GLN A 139 -10.20 -4.06 42.07
CA GLN A 139 -10.54 -2.67 41.81
C GLN A 139 -10.14 -2.28 40.40
N ARG A 140 -11.09 -1.72 39.65
CA ARG A 140 -10.76 -1.32 38.30
C ARG A 140 -10.17 0.08 38.31
N ILE A 141 -9.01 0.20 37.69
CA ILE A 141 -8.33 1.48 37.61
C ILE A 141 -8.08 1.76 36.14
N LYS A 142 -7.49 2.92 35.87
CA LYS A 142 -7.16 3.28 34.51
C LYS A 142 -5.99 2.39 34.07
N ALA A 143 -6.08 1.87 32.86
CA ALA A 143 -5.05 0.99 32.31
C ALA A 143 -3.65 1.60 32.37
N ARG A 144 -3.55 2.90 32.15
CA ARG A 144 -2.25 3.56 32.18
C ARG A 144 -1.63 3.52 33.59
N ASP A 145 -2.43 3.20 34.61
CA ASP A 145 -1.90 3.15 35.97
C ASP A 145 -1.44 1.76 36.40
N ILE A 146 -1.60 0.80 35.50
CA ILE A 146 -1.16 -0.56 35.78
C ILE A 146 0.37 -0.58 35.57
N VAL A 147 1.06 -1.45 36.30
CA VAL A 147 2.51 -1.50 36.21
C VAL A 147 2.99 -2.93 36.20
N PRO A 148 4.26 -3.15 35.80
CA PRO A 148 4.78 -4.51 35.79
C PRO A 148 4.73 -4.99 37.24
N GLY A 149 4.34 -6.25 37.44
CA GLY A 149 4.25 -6.74 38.79
C GLY A 149 2.84 -6.82 39.38
N ASP A 150 1.93 -5.91 39.04
CA ASP A 150 0.64 -6.09 39.69
C ASP A 150 -0.20 -7.25 39.15
N ILE A 151 -1.08 -7.74 40.03
CA ILE A 151 -1.94 -8.88 39.71
C ILE A 151 -3.18 -8.34 39.02
N VAL A 152 -3.45 -8.87 37.84
CA VAL A 152 -4.61 -8.41 37.06
C VAL A 152 -5.63 -9.50 36.83
N GLU A 153 -6.86 -9.08 36.61
CA GLU A 153 -7.95 -10.00 36.37
C GLU A 153 -8.59 -9.63 35.05
N VAL A 154 -8.87 -10.64 34.24
CA VAL A 154 -9.52 -10.41 32.95
C VAL A 154 -10.62 -11.45 32.77
N ALA A 155 -11.67 -11.08 32.04
CA ALA A 155 -12.76 -12.02 31.80
C ALA A 155 -13.33 -11.78 30.41
N VAL A 156 -14.12 -12.73 29.92
CA VAL A 156 -14.74 -12.63 28.60
C VAL A 156 -15.20 -11.21 28.30
N GLY A 157 -14.83 -10.70 27.12
CA GLY A 157 -15.23 -9.36 26.73
C GLY A 157 -14.19 -8.30 27.05
N ASP A 158 -13.28 -8.57 27.98
CA ASP A 158 -12.25 -7.60 28.33
C ASP A 158 -11.20 -7.45 27.24
N LYS A 159 -10.65 -6.26 27.15
CA LYS A 159 -9.57 -5.96 26.22
C LYS A 159 -8.32 -6.02 27.10
N VAL A 160 -7.42 -6.98 26.84
CA VAL A 160 -6.19 -7.12 27.64
C VAL A 160 -5.46 -5.78 27.74
N PRO A 161 -5.20 -5.32 28.97
CA PRO A 161 -4.53 -4.04 29.29
C PRO A 161 -2.99 -3.96 29.25
N ALA A 162 -2.31 -5.09 29.36
CA ALA A 162 -0.85 -5.09 29.33
C ALA A 162 -0.45 -6.49 28.95
N ASP A 163 0.84 -6.73 28.76
CA ASP A 163 1.28 -8.09 28.45
C ASP A 163 1.33 -8.83 29.79
N ILE A 164 0.52 -9.87 29.90
CA ILE A 164 0.39 -10.61 31.13
C ILE A 164 0.75 -12.09 31.08
N ARG A 165 1.43 -12.55 32.12
CA ARG A 165 1.79 -13.95 32.26
C ARG A 165 0.61 -14.47 33.07
N ILE A 166 -0.05 -15.51 32.57
CA ILE A 166 -1.22 -16.07 33.24
C ILE A 166 -0.78 -16.90 34.44
N LEU A 167 -1.35 -16.59 35.60
CA LEU A 167 -1.04 -17.29 36.83
C LEU A 167 -2.07 -18.37 37.14
N SER A 168 -3.34 -18.03 37.01
CA SER A 168 -4.42 -18.96 37.31
C SER A 168 -5.68 -18.73 36.49
N ILE A 169 -6.18 -19.79 35.86
CA ILE A 169 -7.39 -19.72 35.06
C ILE A 169 -8.57 -20.18 35.90
N LYS A 170 -9.43 -19.21 36.25
CA LYS A 170 -10.60 -19.46 37.10
C LYS A 170 -11.72 -20.24 36.42
N SER A 171 -11.99 -19.92 35.15
CA SER A 171 -13.01 -20.61 34.40
C SER A 171 -12.49 -21.98 33.98
N THR A 172 -13.31 -22.77 33.30
CA THR A 172 -12.89 -24.11 32.86
C THR A 172 -11.80 -24.04 31.79
N THR A 173 -11.82 -23.00 30.97
CA THR A 173 -10.80 -22.80 29.94
C THR A 173 -10.77 -21.32 29.60
N LEU A 174 -9.66 -20.85 29.04
CA LEU A 174 -9.56 -19.45 28.68
C LEU A 174 -9.27 -19.36 27.18
N ARG A 175 -10.12 -18.62 26.49
CA ARG A 175 -9.98 -18.44 25.04
C ARG A 175 -9.76 -17.00 24.71
N VAL A 176 -8.74 -16.76 23.89
CA VAL A 176 -8.36 -15.41 23.51
C VAL A 176 -8.43 -15.15 22.01
N ASP A 177 -8.91 -13.96 21.66
CA ASP A 177 -8.94 -13.55 20.27
C ASP A 177 -7.68 -12.71 20.09
N GLN A 178 -6.65 -13.31 19.50
CA GLN A 178 -5.38 -12.63 19.27
C GLN A 178 -5.18 -12.28 17.79
N SER A 179 -6.23 -12.36 16.99
CA SER A 179 -6.10 -12.10 15.55
C SER A 179 -5.20 -10.92 15.19
N ILE A 180 -5.45 -9.77 15.80
CA ILE A 180 -4.67 -8.57 15.51
C ILE A 180 -3.15 -8.69 15.63
N LEU A 181 -2.67 -9.61 16.45
CA LEU A 181 -1.23 -9.77 16.65
C LEU A 181 -0.57 -11.02 16.08
N THR A 182 -1.31 -12.10 16.01
CA THR A 182 -0.75 -13.34 15.50
C THR A 182 -1.38 -13.78 14.17
N GLY A 183 -2.49 -13.17 13.79
CA GLY A 183 -3.15 -13.55 12.56
C GLY A 183 -4.14 -14.70 12.76
N GLU A 184 -4.00 -15.44 13.86
CA GLU A 184 -4.91 -16.54 14.16
C GLU A 184 -6.34 -16.01 14.29
N SER A 185 -7.13 -16.11 13.24
CA SER A 185 -8.50 -15.62 13.32
C SER A 185 -9.41 -16.50 14.17
N VAL A 186 -8.84 -17.59 14.70
CA VAL A 186 -9.62 -18.48 15.57
C VAL A 186 -9.15 -18.24 17.00
N SER A 187 -10.10 -18.04 17.92
CA SER A 187 -9.74 -17.82 19.32
C SER A 187 -8.94 -19.01 19.82
N VAL A 188 -7.82 -18.74 20.49
CA VAL A 188 -6.98 -19.83 20.98
C VAL A 188 -7.02 -20.04 22.49
N ILE A 189 -6.82 -21.29 22.90
CA ILE A 189 -6.82 -21.70 24.29
C ILE A 189 -5.48 -21.37 24.97
N LYS A 190 -5.56 -20.86 26.19
CA LYS A 190 -4.38 -20.49 26.96
C LYS A 190 -4.22 -21.48 28.10
N HIS A 191 -2.98 -21.60 28.59
CA HIS A 191 -2.62 -22.48 29.70
C HIS A 191 -1.69 -21.70 30.64
N THR A 192 -1.18 -22.34 31.69
CA THR A 192 -0.31 -21.66 32.64
C THR A 192 1.11 -22.20 32.80
N GLU A 193 1.40 -23.37 32.23
CA GLU A 193 2.74 -23.94 32.35
C GLU A 193 3.75 -23.09 31.61
N PRO A 194 5.02 -23.16 32.02
CA PRO A 194 6.01 -22.36 31.31
C PRO A 194 6.33 -22.87 29.91
N VAL A 195 6.58 -21.95 28.98
CA VAL A 195 6.96 -22.31 27.62
C VAL A 195 8.50 -22.16 27.62
N PRO A 196 9.23 -23.28 27.67
CA PRO A 196 10.71 -23.34 27.70
C PRO A 196 11.56 -22.53 26.72
N ASP A 197 11.17 -22.45 25.47
CA ASP A 197 11.95 -21.71 24.48
C ASP A 197 11.95 -20.20 24.78
N PRO A 198 13.12 -19.64 25.16
CA PRO A 198 13.23 -18.21 25.48
C PRO A 198 12.98 -17.33 24.26
N ARG A 199 13.10 -17.91 23.07
CA ARG A 199 12.89 -17.14 21.85
C ARG A 199 11.60 -17.55 21.11
N ALA A 200 10.64 -18.09 21.86
CA ALA A 200 9.37 -18.49 21.24
C ALA A 200 8.68 -17.27 20.61
N VAL A 201 8.11 -17.46 19.42
CA VAL A 201 7.41 -16.35 18.79
C VAL A 201 6.08 -16.22 19.53
N ASN A 202 5.41 -15.09 19.40
CA ASN A 202 4.17 -14.88 20.10
C ASN A 202 3.13 -15.98 20.03
N GLN A 203 2.95 -16.54 18.85
CA GLN A 203 2.00 -17.61 18.62
C GLN A 203 2.18 -18.82 19.54
N ASP A 204 3.42 -19.09 19.95
CA ASP A 204 3.68 -20.22 20.82
C ASP A 204 3.71 -19.86 22.34
N LYS A 205 3.50 -18.60 22.69
CA LYS A 205 3.48 -18.21 24.12
C LYS A 205 2.07 -18.50 24.64
N LYS A 206 1.77 -19.78 24.81
CA LYS A 206 0.46 -20.25 25.26
C LYS A 206 0.07 -19.74 26.66
N ASN A 207 1.02 -19.20 27.40
CA ASN A 207 0.73 -18.72 28.77
C ASN A 207 0.72 -17.22 28.92
N MET A 208 0.69 -16.49 27.80
CA MET A 208 0.67 -15.04 27.83
C MET A 208 -0.62 -14.46 27.24
N LEU A 209 -0.96 -13.27 27.72
CA LEU A 209 -2.09 -12.52 27.21
C LEU A 209 -1.40 -11.26 26.69
N PHE A 210 -1.65 -10.90 25.44
CA PHE A 210 -1.02 -9.71 24.86
C PHE A 210 -1.93 -8.50 24.96
N SER A 211 -1.34 -7.38 25.35
CA SER A 211 -2.07 -6.12 25.46
C SER A 211 -2.71 -5.79 24.11
N GLY A 212 -3.98 -5.38 24.13
CA GLY A 212 -4.66 -5.03 22.89
C GLY A 212 -5.53 -6.17 22.35
N THR A 213 -5.33 -7.35 22.91
CA THR A 213 -6.06 -8.56 22.53
C THR A 213 -7.37 -8.67 23.37
N ASN A 214 -8.23 -9.65 23.07
CA ASN A 214 -9.52 -9.82 23.77
C ASN A 214 -9.80 -11.20 24.28
N ILE A 215 -10.46 -11.26 25.43
CA ILE A 215 -10.82 -12.55 26.00
C ILE A 215 -12.11 -12.99 25.30
N ALA A 216 -12.10 -14.16 24.68
CA ALA A 216 -13.28 -14.65 23.98
C ALA A 216 -14.13 -15.49 24.92
N ALA A 217 -13.48 -16.14 25.87
CA ALA A 217 -14.18 -16.97 26.84
C ALA A 217 -13.33 -17.22 28.07
N GLY A 218 -14.00 -17.28 29.22
CA GLY A 218 -13.32 -17.57 30.46
C GLY A 218 -12.97 -16.39 31.34
N LYS A 219 -12.20 -16.70 32.38
CA LYS A 219 -11.78 -15.72 33.36
C LYS A 219 -10.41 -16.15 33.87
N ALA A 220 -9.50 -15.20 34.07
CA ALA A 220 -8.18 -15.57 34.56
C ALA A 220 -7.49 -14.48 35.35
N LEU A 221 -6.54 -14.94 36.15
CA LEU A 221 -5.74 -14.06 36.99
C LEU A 221 -4.32 -14.17 36.44
N GLY A 222 -3.60 -13.05 36.41
CA GLY A 222 -2.23 -13.10 35.92
C GLY A 222 -1.38 -11.98 36.49
N ILE A 223 -0.09 -12.00 36.15
CA ILE A 223 0.80 -10.96 36.60
C ILE A 223 1.33 -10.19 35.39
N VAL A 224 1.33 -8.87 35.50
CA VAL A 224 1.78 -8.00 34.43
C VAL A 224 3.28 -8.15 34.21
N ALA A 225 3.63 -8.57 32.99
CA ALA A 225 5.03 -8.76 32.64
C ALA A 225 5.65 -7.47 32.08
N THR A 226 4.96 -6.79 31.19
CA THR A 226 5.45 -5.55 30.59
C THR A 226 4.32 -4.60 30.29
N THR A 227 4.65 -3.33 30.13
CA THR A 227 3.66 -2.31 29.84
C THR A 227 4.28 -1.29 28.91
N GLY A 228 3.48 -0.32 28.48
CA GLY A 228 4.00 0.72 27.61
C GLY A 228 4.63 0.23 26.32
N VAL A 229 5.78 0.82 25.96
CA VAL A 229 6.45 0.45 24.72
C VAL A 229 7.11 -0.92 24.77
N SER A 230 7.15 -1.52 25.95
CA SER A 230 7.75 -2.83 26.10
C SER A 230 6.84 -4.03 25.80
N THR A 231 5.57 -3.80 25.48
CA THR A 231 4.69 -4.91 25.18
C THR A 231 4.91 -5.28 23.70
N GLU A 232 4.29 -6.36 23.24
CA GLU A 232 4.45 -6.75 21.84
C GLU A 232 3.93 -5.62 20.94
N ILE A 233 2.72 -5.12 21.24
CA ILE A 233 2.16 -4.04 20.46
C ILE A 233 2.99 -2.76 20.63
N GLY A 234 3.61 -2.59 21.79
CA GLY A 234 4.41 -1.41 22.01
C GLY A 234 5.67 -1.43 21.16
N LYS A 235 6.27 -2.61 21.04
CA LYS A 235 7.47 -2.78 20.23
C LYS A 235 7.12 -2.55 18.75
N ILE A 236 5.90 -2.90 18.37
CA ILE A 236 5.45 -2.69 16.99
C ILE A 236 5.33 -1.19 16.75
N ARG A 237 4.91 -0.46 17.79
CA ARG A 237 4.76 1.00 17.69
C ARG A 237 6.12 1.68 17.57
N ASP A 238 7.13 1.17 18.26
CA ASP A 238 8.47 1.77 18.18
C ASP A 238 9.13 1.51 16.82
N GLN A 239 8.93 0.31 16.28
CA GLN A 239 9.50 -0.02 14.97
C GLN A 239 8.88 0.91 13.94
N MET A 240 7.57 1.08 14.01
CA MET A 240 6.85 1.95 13.10
C MET A 240 7.34 3.40 13.21
N ALA A 241 7.46 3.90 14.43
CA ALA A 241 7.91 5.27 14.66
C ALA A 241 9.32 5.50 14.13
N ALA A 242 10.15 4.47 14.17
CA ALA A 242 11.52 4.57 13.70
C ALA A 242 11.66 4.32 12.19
N THR A 243 10.54 4.09 11.51
CA THR A 243 10.59 3.84 10.08
C THR A 243 10.41 5.16 9.34
N GLU A 244 11.40 5.52 8.54
CA GLU A 244 11.34 6.75 7.77
C GLU A 244 11.04 6.40 6.31
N GLN A 245 9.91 6.87 5.80
CA GLN A 245 9.53 6.61 4.42
C GLN A 245 10.04 7.73 3.52
N ASP A 246 10.83 7.38 2.51
CA ASP A 246 11.37 8.35 1.58
C ASP A 246 10.33 8.98 0.66
N LYS A 247 10.69 10.11 0.07
CA LYS A 247 9.83 10.82 -0.86
C LYS A 247 9.74 10.02 -2.16
N THR A 248 8.62 10.13 -2.85
CA THR A 248 8.45 9.42 -4.12
C THR A 248 9.45 9.96 -5.15
N PRO A 249 9.67 9.20 -6.23
CA PRO A 249 10.61 9.63 -7.28
C PRO A 249 10.28 11.03 -7.84
N LEU A 250 9.01 11.25 -8.15
CA LEU A 250 8.57 12.52 -8.69
C LEU A 250 8.80 13.65 -7.68
N GLN A 251 8.46 13.41 -6.41
CA GLN A 251 8.67 14.42 -5.38
C GLN A 251 10.13 14.81 -5.30
N GLN A 252 11.01 13.83 -5.50
CA GLN A 252 12.42 14.10 -5.45
C GLN A 252 12.89 14.90 -6.65
N LYS A 253 12.40 14.56 -7.84
CA LYS A 253 12.78 15.31 -9.05
C LYS A 253 12.24 16.73 -8.93
N LEU A 254 11.02 16.84 -8.43
CA LEU A 254 10.39 18.13 -8.25
C LEU A 254 11.19 19.03 -7.30
N ASP A 255 11.73 18.45 -6.23
CA ASP A 255 12.53 19.23 -5.29
C ASP A 255 13.85 19.65 -5.92
N GLU A 256 14.41 18.75 -6.75
CA GLU A 256 15.67 19.03 -7.43
C GLU A 256 15.46 20.17 -8.43
N PHE A 257 14.31 20.15 -9.11
CA PHE A 257 13.93 21.17 -10.08
C PHE A 257 13.87 22.53 -9.39
N GLY A 258 13.24 22.57 -8.21
CA GLY A 258 13.14 23.81 -7.47
C GLY A 258 14.51 24.40 -7.17
N GLU A 259 15.40 23.57 -6.62
CA GLU A 259 16.76 24.02 -6.29
C GLU A 259 17.43 24.63 -7.50
N GLN A 260 17.47 23.88 -8.60
CA GLN A 260 18.08 24.35 -9.83
C GLN A 260 17.42 25.61 -10.36
N LEU A 261 16.09 25.65 -10.32
CA LEU A 261 15.36 26.81 -10.81
C LEU A 261 15.80 28.02 -10.01
N SER A 262 15.93 27.84 -8.69
CA SER A 262 16.35 28.90 -7.80
C SER A 262 17.73 29.39 -8.21
N LYS A 263 18.57 28.45 -8.64
CA LYS A 263 19.93 28.75 -9.05
C LYS A 263 19.93 29.51 -10.37
N VAL A 264 19.08 29.08 -11.31
CA VAL A 264 19.00 29.71 -12.61
C VAL A 264 18.44 31.14 -12.54
N ILE A 265 17.42 31.32 -11.72
CA ILE A 265 16.81 32.63 -11.57
C ILE A 265 17.83 33.65 -11.08
N SER A 266 18.57 33.30 -10.03
CA SER A 266 19.58 34.22 -9.50
C SER A 266 20.62 34.53 -10.57
N LEU A 267 21.07 33.50 -11.29
CA LEU A 267 22.05 33.70 -12.34
C LEU A 267 21.55 34.62 -13.45
N ILE A 268 20.25 34.52 -13.80
CA ILE A 268 19.71 35.37 -14.84
C ILE A 268 19.70 36.83 -14.38
N CYS A 269 19.49 37.04 -13.08
CA CYS A 269 19.48 38.39 -12.53
C CYS A 269 20.88 38.97 -12.65
N VAL A 270 21.88 38.10 -12.45
CA VAL A 270 23.27 38.51 -12.55
C VAL A 270 23.63 38.76 -14.01
N ALA A 271 22.92 38.09 -14.92
CA ALA A 271 23.16 38.25 -16.34
C ALA A 271 22.56 39.57 -16.81
N VAL A 272 21.35 39.86 -16.34
CA VAL A 272 20.68 41.10 -16.71
C VAL A 272 21.50 42.29 -16.20
N TRP A 273 22.29 42.06 -15.16
CA TRP A 273 23.13 43.10 -14.58
C TRP A 273 24.38 43.28 -15.43
N LEU A 274 25.03 42.16 -15.74
CA LEU A 274 26.25 42.18 -16.54
C LEU A 274 26.01 42.77 -17.93
N ILE A 275 24.87 42.41 -18.53
CA ILE A 275 24.55 42.90 -19.86
C ILE A 275 24.23 44.39 -19.86
N ASN A 276 24.14 44.99 -18.68
CA ASN A 276 23.86 46.41 -18.57
C ASN A 276 24.85 47.15 -17.68
N ILE A 277 26.07 46.64 -17.63
CA ILE A 277 27.14 47.25 -16.82
C ILE A 277 27.60 48.54 -17.48
N GLY A 278 27.28 48.70 -18.76
CA GLY A 278 27.67 49.90 -19.48
C GLY A 278 27.03 51.13 -18.88
N HIS A 279 25.97 50.93 -18.10
CA HIS A 279 25.28 52.03 -17.44
C HIS A 279 26.18 52.77 -16.47
N PHE A 280 27.30 52.15 -16.11
CA PHE A 280 28.24 52.80 -15.19
C PHE A 280 29.05 53.84 -15.96
N ASN A 281 29.00 53.75 -17.29
CA ASN A 281 29.72 54.69 -18.14
C ASN A 281 28.86 55.89 -18.48
N ASP A 282 27.67 55.96 -17.90
CA ASP A 282 26.78 57.08 -18.14
C ASP A 282 27.04 58.16 -17.11
N PRO A 283 26.73 59.43 -17.45
CA PRO A 283 26.95 60.53 -16.51
C PRO A 283 26.12 60.37 -15.25
N VAL A 284 26.69 60.75 -14.11
CA VAL A 284 25.99 60.64 -12.83
C VAL A 284 24.72 61.50 -12.84
N HIS A 285 24.79 62.64 -13.53
CA HIS A 285 23.64 63.54 -13.63
C HIS A 285 22.81 63.16 -14.85
N GLY A 286 21.49 63.30 -14.73
CA GLY A 286 20.60 62.96 -15.83
C GLY A 286 20.00 61.58 -15.68
N GLY A 287 18.78 61.40 -16.18
CA GLY A 287 18.13 60.11 -16.07
C GLY A 287 17.69 59.81 -14.65
N SER A 288 16.55 59.13 -14.50
CA SER A 288 16.03 58.78 -13.19
C SER A 288 16.56 57.44 -12.69
N TRP A 289 17.40 57.49 -11.66
CA TRP A 289 17.96 56.29 -11.08
C TRP A 289 16.88 55.48 -10.39
N ILE A 290 15.82 56.18 -9.97
CA ILE A 290 14.72 55.52 -9.29
C ILE A 290 13.85 54.78 -10.31
N ARG A 291 13.64 55.38 -11.48
CA ARG A 291 12.83 54.75 -12.52
C ARG A 291 13.60 53.61 -13.17
N GLY A 292 14.91 53.63 -13.02
CA GLY A 292 15.74 52.58 -13.58
C GLY A 292 15.75 51.38 -12.65
N ALA A 293 15.69 51.66 -11.35
CA ALA A 293 15.69 50.61 -10.34
C ALA A 293 14.35 49.88 -10.35
N ILE A 294 13.26 50.64 -10.38
CA ILE A 294 11.93 50.07 -10.40
C ILE A 294 11.81 49.11 -11.58
N TYR A 295 12.44 49.47 -12.70
CA TYR A 295 12.41 48.63 -13.88
C TYR A 295 12.98 47.26 -13.59
N TYR A 296 14.20 47.23 -13.06
CA TYR A 296 14.86 45.97 -12.74
C TYR A 296 14.10 45.10 -11.74
N PHE A 297 13.48 45.72 -10.74
CA PHE A 297 12.73 44.95 -9.76
C PHE A 297 11.44 44.45 -10.37
N LYS A 298 11.00 45.09 -11.45
CA LYS A 298 9.79 44.68 -12.13
C LYS A 298 10.04 43.41 -12.94
N ILE A 299 11.22 43.30 -13.54
CA ILE A 299 11.54 42.11 -14.33
C ILE A 299 11.92 40.97 -13.38
N ALA A 300 12.28 41.30 -12.15
CA ALA A 300 12.64 40.30 -11.16
C ALA A 300 11.37 39.60 -10.72
N VAL A 301 10.32 40.38 -10.50
CA VAL A 301 9.03 39.84 -10.09
C VAL A 301 8.43 38.99 -11.21
N ALA A 302 8.55 39.47 -12.44
CA ALA A 302 8.02 38.76 -13.60
C ALA A 302 8.85 37.52 -13.90
N LEU A 303 10.15 37.62 -13.67
CA LEU A 303 11.06 36.51 -13.91
C LEU A 303 10.71 35.37 -12.96
N ALA A 304 10.44 35.72 -11.72
CA ALA A 304 10.10 34.74 -10.70
C ALA A 304 8.76 34.06 -11.03
N VAL A 305 7.79 34.87 -11.46
CA VAL A 305 6.47 34.35 -11.79
C VAL A 305 6.51 33.49 -13.06
N ALA A 306 7.35 33.90 -14.00
CA ALA A 306 7.46 33.18 -15.27
C ALA A 306 8.18 31.84 -15.13
N ALA A 307 9.14 31.76 -14.21
CA ALA A 307 9.92 30.56 -14.01
C ALA A 307 9.19 29.44 -13.27
N ILE A 308 8.29 29.81 -12.38
CA ILE A 308 7.56 28.85 -11.58
C ILE A 308 6.28 28.34 -12.22
N PRO A 309 6.15 27.02 -12.35
CA PRO A 309 4.92 26.47 -12.95
C PRO A 309 3.84 26.46 -11.87
N GLU A 310 3.37 27.64 -11.50
CA GLU A 310 2.37 27.81 -10.44
C GLU A 310 1.15 26.89 -10.45
N GLY A 311 0.77 26.41 -11.63
CA GLY A 311 -0.41 25.55 -11.69
C GLY A 311 -0.13 24.05 -11.68
N LEU A 312 1.15 23.67 -11.74
CA LEU A 312 1.53 22.26 -11.79
C LEU A 312 1.02 21.40 -10.64
N PRO A 313 1.17 21.85 -9.38
CA PRO A 313 0.68 21.07 -8.23
C PRO A 313 -0.80 20.71 -8.33
N ALA A 314 -1.61 21.68 -8.74
CA ALA A 314 -3.05 21.43 -8.89
C ALA A 314 -3.33 20.45 -10.03
N VAL A 315 -2.58 20.58 -11.12
CA VAL A 315 -2.76 19.69 -12.25
C VAL A 315 -2.40 18.25 -11.84
N ILE A 316 -1.29 18.10 -11.12
CA ILE A 316 -0.86 16.80 -10.65
C ILE A 316 -1.92 16.19 -9.74
N THR A 317 -2.35 16.96 -8.75
CA THR A 317 -3.35 16.51 -7.80
C THR A 317 -4.67 16.13 -8.46
N THR A 318 -5.03 16.82 -9.54
CA THR A 318 -6.27 16.52 -10.22
C THR A 318 -6.15 15.20 -10.98
N CYS A 319 -5.03 15.02 -11.66
CA CYS A 319 -4.84 13.79 -12.41
C CYS A 319 -4.83 12.60 -11.45
N LEU A 320 -4.21 12.79 -10.28
CA LEU A 320 -4.14 11.73 -9.28
C LEU A 320 -5.51 11.40 -8.67
N ALA A 321 -6.28 12.41 -8.33
CA ALA A 321 -7.61 12.19 -7.77
C ALA A 321 -8.47 11.44 -8.78
N LEU A 322 -8.39 11.86 -10.05
CA LEU A 322 -9.15 11.23 -11.12
C LEU A 322 -8.73 9.78 -11.33
N GLY A 323 -7.42 9.54 -11.41
CA GLY A 323 -6.94 8.19 -11.60
C GLY A 323 -7.29 7.30 -10.42
N THR A 324 -7.19 7.86 -9.22
CA THR A 324 -7.49 7.14 -7.99
C THR A 324 -8.95 6.67 -7.97
N ARG A 325 -9.86 7.51 -8.46
CA ARG A 325 -11.27 7.13 -8.49
C ARG A 325 -11.44 5.98 -9.48
N ARG A 326 -10.65 6.03 -10.55
CA ARG A 326 -10.69 5.01 -11.59
C ARG A 326 -10.20 3.68 -11.01
N MET A 327 -9.11 3.75 -10.24
CA MET A 327 -8.53 2.57 -9.60
C MET A 327 -9.48 1.95 -8.59
N ALA A 328 -10.27 2.78 -7.94
CA ALA A 328 -11.22 2.29 -6.94
C ALA A 328 -12.26 1.42 -7.61
N LYS A 329 -12.65 1.79 -8.83
CA LYS A 329 -13.63 1.01 -9.56
C LYS A 329 -13.08 -0.39 -9.79
N LYS A 330 -11.75 -0.50 -9.77
CA LYS A 330 -11.08 -1.79 -9.97
C LYS A 330 -10.59 -2.43 -8.66
N ASN A 331 -11.24 -2.04 -7.57
CA ASN A 331 -10.94 -2.58 -6.23
C ASN A 331 -9.60 -2.23 -5.60
N ALA A 332 -8.98 -1.16 -6.09
CA ALA A 332 -7.71 -0.71 -5.54
C ALA A 332 -7.95 0.63 -4.89
N ILE A 333 -7.97 0.66 -3.57
CA ILE A 333 -8.20 1.89 -2.82
C ILE A 333 -6.86 2.53 -2.48
N VAL A 334 -6.46 3.55 -3.23
CA VAL A 334 -5.19 4.21 -3.00
C VAL A 334 -5.37 5.26 -1.93
N ARG A 335 -4.58 5.19 -0.87
CA ARG A 335 -4.68 6.13 0.23
C ARG A 335 -3.76 7.32 0.07
N SER A 336 -2.64 7.13 -0.61
CA SER A 336 -1.68 8.22 -0.83
C SER A 336 -1.57 8.54 -2.33
N LEU A 337 -2.11 9.68 -2.75
CA LEU A 337 -2.08 10.04 -4.16
C LEU A 337 -0.70 9.91 -4.81
N PRO A 338 0.36 10.38 -4.13
CA PRO A 338 1.73 10.31 -4.65
C PRO A 338 2.22 8.87 -4.82
N SER A 339 1.52 7.91 -4.23
CA SER A 339 1.91 6.52 -4.33
C SER A 339 1.55 5.88 -5.67
N VAL A 340 0.68 6.52 -6.45
CA VAL A 340 0.32 5.97 -7.76
C VAL A 340 1.59 5.84 -8.58
N GLU A 341 2.42 6.87 -8.56
CA GLU A 341 3.67 6.84 -9.30
C GLU A 341 4.47 5.64 -8.84
N THR A 342 4.76 5.59 -7.55
CA THR A 342 5.55 4.51 -6.97
C THR A 342 5.03 3.14 -7.37
N LEU A 343 3.71 3.01 -7.40
CA LEU A 343 3.08 1.77 -7.77
C LEU A 343 3.54 1.39 -9.19
N GLY A 344 3.57 2.39 -10.09
CA GLY A 344 3.99 2.14 -11.46
C GLY A 344 5.42 1.65 -11.55
N CYS A 345 6.25 2.05 -10.58
CA CYS A 345 7.66 1.65 -10.54
C CYS A 345 7.89 0.34 -9.79
N THR A 346 6.81 -0.25 -9.26
CA THR A 346 6.92 -1.50 -8.52
C THR A 346 7.81 -2.49 -9.25
N SER A 347 8.87 -2.87 -8.57
CA SER A 347 9.87 -3.79 -9.08
C SER A 347 9.70 -5.21 -8.53
N VAL A 348 9.20 -5.33 -7.31
CA VAL A 348 8.98 -6.62 -6.68
C VAL A 348 7.67 -6.58 -5.90
N ILE A 349 6.87 -7.64 -6.06
CA ILE A 349 5.61 -7.75 -5.35
C ILE A 349 5.68 -8.94 -4.40
N CYS A 350 5.66 -8.67 -3.09
CA CYS A 350 5.70 -9.71 -2.06
C CYS A 350 4.27 -9.93 -1.62
N SER A 351 3.73 -11.12 -1.88
CA SER A 351 2.34 -11.40 -1.56
C SER A 351 2.06 -12.62 -0.70
N ASP A 352 1.25 -12.46 0.34
CA ASP A 352 0.87 -13.59 1.18
C ASP A 352 0.06 -14.50 0.23
N LYS A 353 0.05 -15.81 0.48
CA LYS A 353 -0.70 -16.73 -0.36
C LYS A 353 -2.18 -16.82 0.00
N THR A 354 -2.45 -17.35 1.18
CA THR A 354 -3.83 -17.55 1.60
C THR A 354 -4.77 -16.36 1.52
N GLY A 355 -5.81 -16.51 0.70
CA GLY A 355 -6.79 -15.44 0.55
C GLY A 355 -6.46 -14.41 -0.51
N THR A 356 -5.22 -14.38 -0.99
CA THR A 356 -4.83 -13.39 -2.01
C THR A 356 -4.41 -14.05 -3.32
N LEU A 357 -3.57 -15.08 -3.23
CA LEU A 357 -3.13 -15.84 -4.40
C LEU A 357 -4.11 -17.00 -4.54
N THR A 358 -4.68 -17.41 -3.40
CA THR A 358 -5.66 -18.48 -3.38
C THR A 358 -6.96 -17.91 -2.86
N THR A 359 -8.04 -18.68 -2.96
CA THR A 359 -9.35 -18.21 -2.49
C THR A 359 -9.58 -18.45 -1.01
N ASN A 360 -8.85 -19.39 -0.45
CA ASN A 360 -8.99 -19.80 0.95
C ASN A 360 -10.35 -20.51 1.15
N GLN A 361 -10.85 -21.11 0.07
CA GLN A 361 -12.09 -21.88 0.11
C GLN A 361 -11.56 -23.31 0.04
N MET A 362 -11.55 -23.99 1.18
CA MET A 362 -11.01 -25.34 1.30
C MET A 362 -11.95 -26.44 0.81
N SER A 363 -11.39 -27.47 0.20
CA SER A 363 -12.19 -28.58 -0.30
C SER A 363 -11.37 -29.87 -0.39
N VAL A 364 -11.87 -30.94 0.23
CA VAL A 364 -11.19 -32.23 0.19
C VAL A 364 -11.38 -32.79 -1.23
N CYS A 365 -10.28 -33.23 -1.85
CA CYS A 365 -10.32 -33.74 -3.23
C CYS A 365 -10.01 -35.21 -3.33
N LYS A 366 -9.18 -35.68 -2.41
CA LYS A 366 -8.76 -37.06 -2.39
C LYS A 366 -8.65 -37.52 -0.94
N MET A 367 -8.57 -38.83 -0.77
CA MET A 367 -8.46 -39.44 0.53
C MET A 367 -8.19 -40.91 0.28
N PHE A 368 -7.50 -41.56 1.20
CA PHE A 368 -7.25 -42.97 1.05
C PHE A 368 -7.14 -43.67 2.40
N ILE A 369 -7.48 -44.96 2.40
CA ILE A 369 -7.43 -45.81 3.58
C ILE A 369 -6.66 -47.03 3.14
N ILE A 370 -6.24 -47.85 4.10
CA ILE A 370 -5.49 -49.05 3.78
C ILE A 370 -6.46 -50.11 3.31
N ASP A 371 -6.07 -50.80 2.25
CA ASP A 371 -6.88 -51.84 1.62
C ASP A 371 -6.49 -53.22 2.12
N LYS A 372 -5.20 -53.53 2.05
CA LYS A 372 -4.73 -54.81 2.47
C LYS A 372 -3.25 -54.72 2.84
N VAL A 373 -2.86 -55.52 3.82
CA VAL A 373 -1.47 -55.58 4.27
C VAL A 373 -1.18 -57.05 4.47
N ASP A 374 -0.22 -57.57 3.74
CA ASP A 374 0.14 -58.98 3.83
C ASP A 374 1.62 -59.17 3.51
N GLY A 375 2.45 -59.15 4.55
CA GLY A 375 3.88 -59.30 4.35
C GLY A 375 4.42 -58.09 3.61
N ASP A 376 5.18 -58.33 2.55
CA ASP A 376 5.73 -57.23 1.76
C ASP A 376 4.69 -56.64 0.82
N PHE A 377 3.57 -57.32 0.65
CA PHE A 377 2.53 -56.84 -0.24
C PHE A 377 1.67 -55.83 0.50
N CYS A 378 1.19 -54.84 -0.25
CA CYS A 378 0.38 -53.79 0.33
C CYS A 378 -0.38 -53.01 -0.73
N SER A 379 -1.64 -52.70 -0.45
CA SER A 379 -2.47 -51.93 -1.37
C SER A 379 -3.29 -50.92 -0.60
N LEU A 380 -3.57 -49.78 -1.24
CA LEU A 380 -4.36 -48.73 -0.61
C LEU A 380 -5.67 -48.60 -1.37
N ASN A 381 -6.63 -47.92 -0.74
CA ASN A 381 -7.93 -47.67 -1.32
C ASN A 381 -8.05 -46.15 -1.43
N GLU A 382 -7.79 -45.65 -2.64
CA GLU A 382 -7.80 -44.21 -2.92
C GLU A 382 -9.12 -43.78 -3.56
N PHE A 383 -9.64 -42.63 -3.13
CA PHE A 383 -10.89 -42.08 -3.64
C PHE A 383 -10.74 -40.61 -4.05
N SER A 384 -11.79 -40.07 -4.68
CA SER A 384 -11.82 -38.66 -5.11
C SER A 384 -13.17 -38.14 -4.64
N ILE A 385 -13.25 -36.82 -4.51
CA ILE A 385 -14.49 -36.19 -4.07
C ILE A 385 -14.74 -34.96 -4.95
N THR A 386 -16.00 -34.71 -5.30
CA THR A 386 -16.32 -33.57 -6.15
C THR A 386 -17.02 -32.51 -5.35
N GLY A 387 -16.91 -31.26 -5.81
CA GLY A 387 -17.54 -30.14 -5.11
C GLY A 387 -16.47 -29.31 -4.43
N SER A 388 -16.19 -28.13 -4.95
CA SER A 388 -15.17 -27.26 -4.40
C SER A 388 -15.75 -26.26 -3.40
N THR A 389 -17.05 -26.33 -3.19
CA THR A 389 -17.74 -25.46 -2.26
C THR A 389 -17.86 -26.12 -0.90
N TYR A 390 -18.35 -25.37 0.08
CA TYR A 390 -18.55 -25.92 1.41
C TYR A 390 -19.91 -26.61 1.48
N ALA A 391 -20.66 -26.52 0.39
CA ALA A 391 -21.98 -27.15 0.30
C ALA A 391 -21.87 -28.67 0.24
N PRO A 392 -22.75 -29.38 0.96
CA PRO A 392 -22.74 -30.85 0.97
C PRO A 392 -23.08 -31.44 -0.40
N GLU A 393 -22.98 -30.59 -1.42
CA GLU A 393 -23.25 -30.99 -2.80
C GLU A 393 -22.01 -31.60 -3.44
N GLY A 394 -22.12 -32.86 -3.83
CA GLY A 394 -21.01 -33.55 -4.45
C GLY A 394 -21.07 -35.02 -4.12
N GLU A 395 -20.11 -35.80 -4.61
CA GLU A 395 -20.09 -37.22 -4.33
C GLU A 395 -18.68 -37.78 -4.27
N VAL A 396 -18.55 -38.93 -3.62
CA VAL A 396 -17.27 -39.61 -3.49
C VAL A 396 -17.15 -40.41 -4.77
N LEU A 397 -15.92 -40.73 -5.17
CA LEU A 397 -15.75 -41.50 -6.39
C LEU A 397 -14.60 -42.49 -6.32
N LYS A 398 -14.76 -43.56 -7.08
CA LYS A 398 -13.76 -44.61 -7.19
C LYS A 398 -13.55 -44.70 -8.70
N ASN A 399 -12.41 -44.18 -9.17
CA ASN A 399 -12.09 -44.14 -10.59
C ASN A 399 -13.19 -43.36 -11.28
N ASP A 400 -13.45 -42.17 -10.75
CA ASP A 400 -14.49 -41.28 -11.28
C ASP A 400 -15.84 -41.96 -11.42
N LYS A 401 -15.99 -43.12 -10.78
CA LYS A 401 -17.23 -43.87 -10.81
C LYS A 401 -17.80 -43.86 -9.40
N PRO A 402 -18.93 -43.16 -9.20
CA PRO A 402 -19.57 -43.06 -7.89
C PRO A 402 -19.67 -44.39 -7.13
N ILE A 403 -19.32 -44.37 -5.85
CA ILE A 403 -19.41 -45.55 -5.01
C ILE A 403 -20.04 -45.13 -3.69
N ARG A 404 -20.30 -46.11 -2.83
CA ARG A 404 -20.90 -45.83 -1.53
C ARG A 404 -19.78 -45.92 -0.50
N SER A 405 -19.61 -44.86 0.29
CA SER A 405 -18.56 -44.85 1.30
C SER A 405 -18.81 -45.95 2.34
N GLY A 406 -20.06 -46.03 2.82
CA GLY A 406 -20.43 -47.04 3.82
C GLY A 406 -20.01 -48.46 3.51
N GLN A 407 -19.80 -48.77 2.23
CA GLN A 407 -19.39 -50.10 1.82
C GLN A 407 -17.96 -50.39 2.27
N PHE A 408 -17.31 -49.38 2.82
CA PHE A 408 -15.95 -49.51 3.34
C PHE A 408 -15.98 -49.00 4.79
N ASP A 409 -15.82 -49.92 5.75
CA ASP A 409 -15.84 -49.53 7.15
C ASP A 409 -14.71 -48.53 7.36
N GLY A 410 -13.58 -48.81 6.73
CA GLY A 410 -12.42 -47.94 6.83
C GLY A 410 -12.83 -46.50 6.61
N LEU A 411 -13.79 -46.27 5.72
CA LEU A 411 -14.26 -44.93 5.44
C LEU A 411 -15.21 -44.45 6.52
N VAL A 412 -15.91 -45.38 7.17
CA VAL A 412 -16.84 -45.02 8.24
C VAL A 412 -16.03 -44.42 9.37
N GLU A 413 -14.88 -45.02 9.69
CA GLU A 413 -14.03 -44.51 10.74
C GLU A 413 -13.31 -43.23 10.29
N LEU A 414 -13.04 -43.12 8.98
CA LEU A 414 -12.38 -41.94 8.42
C LEU A 414 -13.31 -40.77 8.66
N ALA A 415 -14.59 -40.99 8.35
CA ALA A 415 -15.60 -39.95 8.52
C ALA A 415 -15.91 -39.64 9.98
N THR A 416 -15.73 -40.62 10.86
CA THR A 416 -15.99 -40.43 12.27
C THR A 416 -14.92 -39.50 12.86
N ILE A 417 -13.67 -39.75 12.49
CA ILE A 417 -12.58 -38.90 12.94
C ILE A 417 -12.81 -37.47 12.43
N CYS A 418 -13.14 -37.33 11.15
CA CYS A 418 -13.38 -36.02 10.56
C CYS A 418 -14.53 -35.24 11.19
N ALA A 419 -15.55 -35.96 11.67
CA ALA A 419 -16.68 -35.30 12.28
C ALA A 419 -16.43 -34.93 13.75
N LEU A 420 -15.82 -35.85 14.50
CA LEU A 420 -15.55 -35.63 15.92
C LEU A 420 -14.34 -34.77 16.28
N CYS A 421 -13.21 -35.00 15.61
CA CYS A 421 -11.99 -34.22 15.88
C CYS A 421 -12.16 -32.94 15.07
N ASN A 422 -13.18 -32.16 15.44
CA ASN A 422 -13.51 -30.96 14.67
C ASN A 422 -14.26 -29.93 15.51
N ASP A 423 -13.90 -28.66 15.39
CA ASP A 423 -14.60 -27.61 16.13
C ASP A 423 -15.47 -26.78 15.20
N SER A 424 -15.43 -27.08 13.91
CA SER A 424 -16.20 -26.32 12.93
C SER A 424 -17.53 -26.96 12.56
N SER A 425 -18.32 -26.24 11.78
CA SER A 425 -19.60 -26.71 11.30
C SER A 425 -20.01 -25.92 10.06
N LEU A 426 -21.19 -26.20 9.55
CA LEU A 426 -21.71 -25.50 8.39
C LEU A 426 -22.99 -24.78 8.75
N ASP A 427 -23.31 -23.74 8.00
CA ASP A 427 -24.51 -22.95 8.23
C ASP A 427 -25.02 -22.35 6.93
N PHE A 428 -26.16 -22.85 6.47
CA PHE A 428 -26.75 -22.35 5.23
C PHE A 428 -27.29 -20.94 5.45
N ASN A 429 -26.65 -19.97 4.80
CA ASN A 429 -27.06 -18.57 4.91
C ASN A 429 -28.20 -18.31 3.93
N GLU A 430 -29.43 -18.53 4.40
CA GLU A 430 -30.62 -18.35 3.58
C GLU A 430 -30.58 -17.06 2.75
N THR A 431 -30.06 -16.00 3.36
CA THR A 431 -29.95 -14.72 2.67
C THR A 431 -29.14 -14.91 1.39
N LYS A 432 -27.83 -15.05 1.53
CA LYS A 432 -26.95 -15.25 0.38
C LYS A 432 -27.38 -16.44 -0.45
N GLY A 433 -27.88 -17.48 0.22
CA GLY A 433 -28.33 -18.68 -0.48
C GLY A 433 -27.20 -19.67 -0.67
N VAL A 434 -26.16 -19.57 0.17
CA VAL A 434 -25.02 -20.46 0.08
C VAL A 434 -24.57 -20.95 1.46
N TYR A 435 -24.11 -22.20 1.52
CA TYR A 435 -23.64 -22.77 2.78
C TYR A 435 -22.33 -22.11 3.20
N GLU A 436 -22.38 -21.33 4.27
CA GLU A 436 -21.20 -20.66 4.77
C GLU A 436 -20.53 -21.50 5.87
N LYS A 437 -19.25 -21.24 6.10
CA LYS A 437 -18.49 -21.97 7.10
C LYS A 437 -18.54 -21.33 8.48
N VAL A 438 -18.37 -22.17 9.50
CA VAL A 438 -18.35 -21.70 10.88
C VAL A 438 -17.09 -22.31 11.48
N GLY A 439 -16.04 -21.51 11.53
CA GLY A 439 -14.78 -21.99 12.07
C GLY A 439 -13.71 -21.85 11.02
N GLU A 440 -12.66 -22.65 11.13
CA GLU A 440 -11.55 -22.60 10.18
C GLU A 440 -11.84 -23.36 8.89
N ALA A 441 -11.28 -22.88 7.78
CA ALA A 441 -11.47 -23.50 6.47
C ALA A 441 -11.03 -24.97 6.43
N THR A 442 -9.89 -25.26 7.07
CA THR A 442 -9.35 -26.62 7.08
C THR A 442 -10.32 -27.66 7.66
N GLU A 443 -10.87 -27.36 8.82
CA GLU A 443 -11.81 -28.26 9.48
C GLU A 443 -13.17 -28.26 8.83
N THR A 444 -13.59 -27.11 8.30
CA THR A 444 -14.90 -27.03 7.66
C THR A 444 -14.89 -27.90 6.40
N ALA A 445 -13.73 -28.02 5.75
CA ALA A 445 -13.62 -28.85 4.56
C ALA A 445 -13.90 -30.31 4.95
N LEU A 446 -13.57 -30.66 6.19
CA LEU A 446 -13.78 -32.01 6.71
C LEU A 446 -15.26 -32.21 7.02
N THR A 447 -15.88 -31.17 7.56
CA THR A 447 -17.29 -31.20 7.90
C THR A 447 -18.04 -31.40 6.58
N THR A 448 -17.62 -30.67 5.56
CA THR A 448 -18.25 -30.77 4.24
C THR A 448 -18.02 -32.15 3.64
N LEU A 449 -16.84 -32.72 3.88
CA LEU A 449 -16.54 -34.06 3.39
C LEU A 449 -17.45 -35.12 4.01
N VAL A 450 -17.76 -34.95 5.29
CA VAL A 450 -18.61 -35.88 6.01
C VAL A 450 -20.01 -35.91 5.44
N GLU A 451 -20.52 -34.75 5.07
CA GLU A 451 -21.86 -34.65 4.51
C GLU A 451 -21.95 -35.32 3.13
N LYS A 452 -20.83 -35.32 2.40
CA LYS A 452 -20.80 -35.92 1.06
C LYS A 452 -20.61 -37.42 1.14
N MET A 453 -19.84 -37.89 2.11
CA MET A 453 -19.59 -39.32 2.26
C MET A 453 -20.83 -40.07 2.75
N ASN A 454 -21.49 -39.50 3.75
CA ASN A 454 -22.69 -40.10 4.34
C ASN A 454 -22.50 -41.61 4.50
N VAL A 455 -21.60 -42.00 5.40
CA VAL A 455 -21.29 -43.40 5.63
C VAL A 455 -22.41 -44.25 6.26
N PHE A 456 -23.47 -43.60 6.73
CA PHE A 456 -24.59 -44.34 7.32
C PHE A 456 -25.86 -44.28 6.46
N ASN A 457 -25.69 -43.90 5.20
CA ASN A 457 -26.79 -43.81 4.25
C ASN A 457 -28.04 -43.12 4.81
N THR A 458 -27.84 -42.04 5.56
CA THR A 458 -28.94 -41.28 6.14
C THR A 458 -29.77 -40.60 5.04
N GLU A 459 -31.05 -40.38 5.31
CA GLU A 459 -31.93 -39.73 4.34
C GLU A 459 -31.89 -38.22 4.50
N VAL A 460 -30.97 -37.60 3.78
CA VAL A 460 -30.80 -36.15 3.84
C VAL A 460 -31.63 -35.46 2.77
N ARG A 461 -32.06 -36.22 1.77
CA ARG A 461 -32.86 -35.67 0.69
C ARG A 461 -34.28 -35.34 1.15
N ASN A 462 -34.47 -35.31 2.47
CA ASN A 462 -35.76 -35.00 3.07
C ASN A 462 -35.67 -33.66 3.79
N LEU A 463 -34.49 -33.38 4.33
CA LEU A 463 -34.25 -32.13 5.06
C LEU A 463 -34.23 -30.93 4.14
N SER A 464 -34.35 -29.75 4.73
CA SER A 464 -34.33 -28.51 3.96
C SER A 464 -32.89 -28.16 3.60
N LYS A 465 -32.62 -26.87 3.42
CA LYS A 465 -31.28 -26.41 3.07
C LYS A 465 -30.52 -26.05 4.34
N VAL A 466 -31.26 -25.80 5.42
CA VAL A 466 -30.65 -25.45 6.70
C VAL A 466 -30.40 -26.70 7.54
N GLU A 467 -31.11 -27.78 7.21
CA GLU A 467 -30.96 -29.05 7.93
C GLU A 467 -30.00 -29.98 7.23
N ARG A 468 -29.79 -29.74 5.94
CA ARG A 468 -28.88 -30.57 5.15
C ARG A 468 -27.43 -30.29 5.54
N ALA A 469 -27.18 -29.07 5.98
CA ALA A 469 -25.86 -28.61 6.38
C ALA A 469 -25.11 -29.58 7.30
N ASN A 470 -25.59 -29.72 8.53
CA ASN A 470 -24.96 -30.59 9.50
C ASN A 470 -25.74 -31.88 9.75
N ALA A 471 -26.14 -32.56 8.68
CA ALA A 471 -26.92 -33.80 8.80
C ALA A 471 -26.10 -35.04 9.15
N CYS A 472 -25.20 -35.44 8.27
CA CYS A 472 -24.37 -36.63 8.49
C CYS A 472 -23.40 -36.45 9.67
N ASN A 473 -23.07 -35.22 9.99
CA ASN A 473 -22.16 -34.95 11.11
C ASN A 473 -22.88 -35.25 12.42
N SER A 474 -24.10 -34.74 12.56
CA SER A 474 -24.90 -34.94 13.77
C SER A 474 -25.14 -36.43 14.05
N VAL A 475 -25.28 -37.22 13.00
CA VAL A 475 -25.51 -38.65 13.17
C VAL A 475 -24.32 -39.29 13.87
N ILE A 476 -23.11 -38.93 13.42
CA ILE A 476 -21.90 -39.48 14.02
C ILE A 476 -21.73 -38.92 15.43
N ARG A 477 -22.25 -37.73 15.67
CA ARG A 477 -22.16 -37.12 17.00
C ARG A 477 -23.03 -37.86 18.01
N GLN A 478 -24.11 -38.47 17.54
CA GLN A 478 -25.02 -39.20 18.43
C GLN A 478 -24.43 -40.57 18.77
N LEU A 479 -23.43 -41.00 18.00
CA LEU A 479 -22.80 -42.29 18.21
C LEU A 479 -21.63 -42.27 19.20
N MET A 480 -21.03 -41.10 19.37
CA MET A 480 -19.90 -40.96 20.29
C MET A 480 -20.03 -39.67 21.08
N LYS A 481 -19.72 -39.78 22.37
CA LYS A 481 -19.78 -38.65 23.27
C LYS A 481 -18.38 -38.06 23.40
N LYS A 482 -18.20 -36.82 22.96
CA LYS A 482 -16.90 -36.17 23.08
C LYS A 482 -16.72 -35.69 24.51
N GLU A 483 -15.81 -36.34 25.25
CA GLU A 483 -15.55 -35.98 26.63
C GLU A 483 -14.80 -34.65 26.65
N PHE A 484 -13.59 -34.66 26.11
CA PHE A 484 -12.77 -33.45 26.06
C PHE A 484 -11.96 -33.45 24.77
N THR A 485 -11.30 -32.33 24.48
CA THR A 485 -10.46 -32.24 23.29
C THR A 485 -9.09 -31.66 23.62
N LEU A 486 -8.06 -32.27 23.05
CA LEU A 486 -6.67 -31.80 23.21
C LEU A 486 -6.41 -30.90 21.99
N GLU A 487 -6.45 -29.60 22.20
CA GLU A 487 -6.27 -28.63 21.11
C GLU A 487 -5.01 -28.80 20.29
N PHE A 488 -5.12 -28.31 19.05
CA PHE A 488 -4.01 -28.34 18.11
C PHE A 488 -2.98 -27.30 18.56
N SER A 489 -1.72 -27.56 18.25
CA SER A 489 -0.64 -26.64 18.57
C SER A 489 0.48 -26.92 17.58
N ARG A 490 1.14 -25.86 17.13
CA ARG A 490 2.23 -25.96 16.15
C ARG A 490 3.35 -26.92 16.50
N ASP A 491 3.60 -27.16 17.78
CA ASP A 491 4.68 -28.08 18.12
C ASP A 491 4.40 -29.51 17.64
N ARG A 492 3.29 -30.11 18.05
CA ARG A 492 3.02 -31.48 17.60
C ARG A 492 2.25 -31.52 16.29
N LYS A 493 1.70 -30.39 15.88
CA LYS A 493 0.95 -30.30 14.64
C LYS A 493 -0.14 -31.37 14.51
N SER A 494 -0.92 -31.52 15.59
CA SER A 494 -2.03 -32.47 15.61
C SER A 494 -3.04 -32.08 16.65
N MET A 495 -4.19 -32.73 16.58
CA MET A 495 -5.31 -32.46 17.48
C MET A 495 -6.04 -33.78 17.70
N SER A 496 -6.62 -33.93 18.90
CA SER A 496 -7.35 -35.15 19.19
C SER A 496 -8.50 -34.87 20.15
N VAL A 497 -9.46 -35.79 20.16
CA VAL A 497 -10.62 -35.68 21.03
C VAL A 497 -10.83 -37.04 21.71
N TYR A 498 -11.15 -37.01 23.00
CA TYR A 498 -11.38 -38.23 23.75
C TYR A 498 -12.88 -38.49 23.68
N CYS A 499 -13.24 -39.71 23.30
CA CYS A 499 -14.66 -40.05 23.16
C CYS A 499 -15.06 -41.39 23.77
N SER A 500 -16.32 -41.48 24.15
CA SER A 500 -16.87 -42.69 24.74
C SER A 500 -18.20 -42.98 24.05
N PRO A 501 -18.56 -44.26 23.90
CA PRO A 501 -19.83 -44.61 23.24
C PRO A 501 -21.05 -43.96 23.90
N ALA A 502 -22.10 -43.76 23.11
CA ALA A 502 -23.32 -43.15 23.63
C ALA A 502 -24.08 -44.12 24.53
N LYS A 503 -24.62 -45.18 23.94
CA LYS A 503 -25.37 -46.18 24.69
C LYS A 503 -24.41 -47.24 25.24
N SER A 504 -23.95 -47.01 26.47
CA SER A 504 -23.02 -47.93 27.13
C SER A 504 -23.31 -47.97 28.63
N SER A 505 -23.45 -49.18 29.17
CA SER A 505 -23.72 -49.36 30.60
C SER A 505 -22.46 -49.27 31.45
N ARG A 506 -22.53 -49.87 32.64
CA ARG A 506 -21.41 -49.87 33.58
C ARG A 506 -20.20 -50.64 33.03
N ALA A 507 -19.44 -49.98 32.16
CA ALA A 507 -18.25 -50.59 31.55
C ALA A 507 -17.09 -49.61 31.52
N ALA A 508 -15.87 -50.13 31.60
CA ALA A 508 -14.67 -49.31 31.58
C ALA A 508 -13.85 -49.56 30.31
N VAL A 509 -14.52 -50.04 29.26
CA VAL A 509 -13.85 -50.32 27.99
C VAL A 509 -14.72 -49.88 26.80
N GLY A 510 -14.11 -49.11 25.88
CA GLY A 510 -14.84 -48.64 24.72
C GLY A 510 -14.46 -47.23 24.31
N ASN A 511 -13.67 -46.56 25.14
CA ASN A 511 -13.22 -45.19 24.88
C ASN A 511 -12.19 -45.11 23.76
N LYS A 512 -12.22 -44.01 23.01
CA LYS A 512 -11.28 -43.84 21.91
C LYS A 512 -10.84 -42.39 21.76
N MET A 513 -9.62 -42.20 21.28
CA MET A 513 -9.11 -40.87 21.01
C MET A 513 -8.99 -40.81 19.49
N PHE A 514 -9.64 -39.82 18.88
CA PHE A 514 -9.59 -39.65 17.44
C PHE A 514 -8.63 -38.52 17.13
N VAL A 515 -7.58 -38.83 16.37
CA VAL A 515 -6.53 -37.88 16.05
C VAL A 515 -6.48 -37.41 14.60
N LYS A 516 -6.11 -36.15 14.42
CA LYS A 516 -5.99 -35.49 13.12
C LYS A 516 -4.75 -34.58 13.20
N GLY A 517 -3.96 -34.52 12.12
CA GLY A 517 -2.78 -33.66 12.12
C GLY A 517 -1.86 -33.80 10.91
N ALA A 518 -0.76 -33.05 10.92
CA ALA A 518 0.23 -33.12 9.83
C ALA A 518 0.65 -34.59 9.82
N PRO A 519 0.74 -35.19 8.62
CA PRO A 519 1.11 -36.59 8.40
C PRO A 519 2.37 -37.15 9.04
N GLU A 520 3.49 -36.47 8.82
CA GLU A 520 4.76 -36.95 9.36
C GLU A 520 4.72 -37.26 10.84
N GLY A 521 4.30 -36.30 11.65
CA GLY A 521 4.25 -36.51 13.09
C GLY A 521 3.19 -37.52 13.50
N VAL A 522 2.02 -37.48 12.87
CA VAL A 522 0.96 -38.42 13.23
C VAL A 522 1.36 -39.84 12.85
N ILE A 523 1.86 -40.02 11.63
CA ILE A 523 2.27 -41.35 11.19
C ILE A 523 3.43 -41.92 12.01
N ASP A 524 4.32 -41.06 12.51
CA ASP A 524 5.41 -41.59 13.33
C ASP A 524 4.90 -42.09 14.68
N ARG A 525 3.72 -41.64 15.09
CA ARG A 525 3.18 -42.06 16.37
C ARG A 525 2.18 -43.21 16.26
N CYS A 526 2.10 -43.81 15.08
CA CYS A 526 1.22 -44.94 14.83
C CYS A 526 2.01 -46.23 14.90
N ASN A 527 1.52 -47.21 15.68
CA ASN A 527 2.19 -48.49 15.78
C ASN A 527 1.31 -49.52 15.07
N TYR A 528 0.12 -49.10 14.67
CA TYR A 528 -0.83 -49.98 14.00
C TYR A 528 -1.41 -49.32 12.76
N VAL A 529 -2.06 -50.13 11.93
CA VAL A 529 -2.69 -49.68 10.71
C VAL A 529 -4.06 -50.37 10.65
N ARG A 530 -5.09 -49.61 10.36
CA ARG A 530 -6.43 -50.17 10.27
C ARG A 530 -6.69 -50.69 8.85
N VAL A 531 -7.44 -51.80 8.76
CA VAL A 531 -7.81 -52.41 7.48
C VAL A 531 -9.28 -52.84 7.59
N GLY A 532 -10.18 -51.97 7.15
CA GLY A 532 -11.59 -52.26 7.21
C GLY A 532 -12.08 -52.11 8.64
N THR A 533 -11.99 -53.20 9.39
CA THR A 533 -12.40 -53.20 10.79
C THR A 533 -11.29 -53.84 11.60
N THR A 534 -10.37 -54.49 10.91
CA THR A 534 -9.25 -55.16 11.56
C THR A 534 -8.09 -54.20 11.74
N ARG A 535 -7.08 -54.68 12.45
CA ARG A 535 -5.89 -53.90 12.73
C ARG A 535 -4.66 -54.78 12.63
N VAL A 536 -3.57 -54.23 12.12
CA VAL A 536 -2.33 -54.96 12.00
C VAL A 536 -1.22 -54.00 12.37
N PRO A 537 -0.01 -54.51 12.69
CA PRO A 537 1.14 -53.68 13.06
C PRO A 537 1.76 -52.87 11.93
N MET A 538 2.05 -51.60 12.22
CA MET A 538 2.65 -50.69 11.25
C MET A 538 4.02 -51.22 10.82
N THR A 539 4.15 -51.56 9.54
CA THR A 539 5.41 -52.07 9.02
C THR A 539 6.00 -51.07 8.03
N GLY A 540 7.28 -51.22 7.72
CA GLY A 540 7.93 -50.33 6.78
C GLY A 540 7.26 -50.28 5.41
N PRO A 541 6.91 -51.44 4.82
CA PRO A 541 6.28 -51.44 3.50
C PRO A 541 5.05 -50.53 3.43
N VAL A 542 4.18 -50.65 4.44
CA VAL A 542 2.97 -49.85 4.49
C VAL A 542 3.29 -48.38 4.75
N LYS A 543 4.24 -48.13 5.65
CA LYS A 543 4.61 -46.77 6.00
C LYS A 543 5.15 -45.97 4.81
N GLU A 544 6.12 -46.54 4.09
CA GLU A 544 6.68 -45.87 2.94
C GLU A 544 5.60 -45.66 1.89
N LYS A 545 4.75 -46.66 1.73
CA LYS A 545 3.65 -46.58 0.77
C LYS A 545 2.80 -45.36 1.12
N ILE A 546 2.44 -45.24 2.39
CA ILE A 546 1.62 -44.12 2.85
C ILE A 546 2.33 -42.78 2.62
N LEU A 547 3.58 -42.70 3.05
CA LEU A 547 4.33 -41.46 2.91
C LEU A 547 4.62 -41.08 1.47
N SER A 548 4.68 -42.06 0.58
CA SER A 548 4.95 -41.75 -0.83
C SER A 548 3.73 -41.09 -1.47
N VAL A 549 2.54 -41.62 -1.24
CA VAL A 549 1.35 -41.00 -1.79
C VAL A 549 1.25 -39.57 -1.26
N ILE A 550 1.46 -39.42 0.06
CA ILE A 550 1.39 -38.11 0.69
C ILE A 550 2.34 -37.13 0.02
N LYS A 551 3.57 -37.57 -0.21
CA LYS A 551 4.56 -36.72 -0.86
C LYS A 551 4.05 -36.31 -2.25
N GLU A 552 3.51 -37.28 -2.97
CA GLU A 552 2.97 -37.04 -4.31
C GLU A 552 1.81 -36.04 -4.32
N TRP A 553 0.87 -36.22 -3.40
CA TRP A 553 -0.28 -35.32 -3.33
C TRP A 553 0.10 -33.90 -2.92
N GLY A 554 1.00 -33.78 -1.96
CA GLY A 554 1.37 -32.45 -1.49
C GLY A 554 2.49 -31.74 -2.22
N THR A 555 3.30 -32.48 -2.97
CA THR A 555 4.42 -31.90 -3.68
C THR A 555 4.27 -32.01 -5.20
N GLY A 556 3.28 -32.78 -5.64
CA GLY A 556 3.02 -32.94 -7.06
C GLY A 556 2.12 -31.82 -7.53
N ARG A 557 1.55 -31.97 -8.72
CA ARG A 557 0.68 -30.96 -9.31
C ARG A 557 -0.66 -30.75 -8.59
N ASP A 558 -1.06 -31.68 -7.74
CA ASP A 558 -2.30 -31.52 -7.01
C ASP A 558 -2.14 -30.46 -5.90
N THR A 559 -0.90 -30.30 -5.42
CA THR A 559 -0.60 -29.34 -4.36
C THR A 559 -1.65 -29.40 -3.26
N LEU A 560 -1.86 -30.59 -2.70
CA LEU A 560 -2.87 -30.75 -1.69
C LEU A 560 -2.33 -30.63 -0.25
N ARG A 561 -3.16 -30.07 0.60
CA ARG A 561 -2.85 -29.90 2.03
C ARG A 561 -3.33 -31.22 2.65
N CYS A 562 -2.40 -32.07 3.08
CA CYS A 562 -2.76 -33.35 3.64
C CYS A 562 -2.82 -33.45 5.18
N LEU A 563 -3.78 -34.25 5.64
CA LEU A 563 -3.99 -34.49 7.05
C LEU A 563 -4.06 -36.01 7.24
N ALA A 564 -3.32 -36.52 8.22
CA ALA A 564 -3.38 -37.95 8.50
C ALA A 564 -4.42 -38.09 9.61
N LEU A 565 -5.26 -39.11 9.50
CA LEU A 565 -6.29 -39.35 10.51
C LEU A 565 -5.98 -40.66 11.19
N ALA A 566 -6.12 -40.69 12.51
CA ALA A 566 -5.82 -41.90 13.28
C ALA A 566 -6.64 -41.97 14.56
N THR A 567 -6.56 -43.10 15.25
CA THR A 567 -7.30 -43.27 16.48
C THR A 567 -6.49 -44.09 17.45
N ARG A 568 -6.48 -43.69 18.72
CA ARG A 568 -5.75 -44.51 19.68
C ARG A 568 -6.84 -45.48 20.16
N ASP A 569 -6.67 -46.76 19.84
CA ASP A 569 -7.66 -47.77 20.22
C ASP A 569 -7.83 -47.92 21.73
N THR A 570 -6.71 -47.95 22.44
CA THR A 570 -6.72 -48.09 23.89
C THR A 570 -6.06 -46.85 24.50
N PRO A 571 -6.83 -45.76 24.65
CA PRO A 571 -6.26 -44.54 25.22
C PRO A 571 -6.01 -44.69 26.71
N PRO A 572 -5.16 -43.82 27.29
CA PRO A 572 -4.91 -43.97 28.72
C PRO A 572 -6.19 -43.69 29.50
N LYS A 573 -6.28 -44.23 30.71
CA LYS A 573 -7.45 -43.99 31.54
C LYS A 573 -7.62 -42.49 31.72
N ARG A 574 -8.85 -42.05 31.83
CA ARG A 574 -9.14 -40.64 31.99
C ARG A 574 -8.46 -40.00 33.19
N GLU A 575 -8.43 -40.70 34.34
CA GLU A 575 -7.82 -40.15 35.54
C GLU A 575 -6.32 -39.93 35.39
N GLU A 576 -5.72 -40.66 34.45
CA GLU A 576 -4.29 -40.58 34.23
C GLU A 576 -3.82 -39.51 33.24
N MET A 577 -4.71 -38.59 32.89
CA MET A 577 -4.33 -37.55 31.95
C MET A 577 -4.50 -36.17 32.56
N VAL A 578 -3.57 -35.27 32.28
CA VAL A 578 -3.67 -33.91 32.79
C VAL A 578 -4.00 -33.04 31.60
N LEU A 579 -5.21 -32.49 31.61
CA LEU A 579 -5.70 -31.67 30.53
C LEU A 579 -5.13 -30.25 30.46
N ASP A 580 -4.45 -29.81 31.50
CA ASP A 580 -3.87 -28.48 31.55
C ASP A 580 -2.47 -28.37 30.94
N ASP A 581 -1.76 -29.47 30.86
CA ASP A 581 -0.40 -29.44 30.32
C ASP A 581 -0.35 -29.84 28.86
N SER A 582 -0.47 -28.86 27.98
CA SER A 582 -0.45 -29.10 26.54
C SER A 582 0.84 -29.78 26.11
N SER A 583 1.85 -29.70 26.98
CA SER A 583 3.16 -30.30 26.71
C SER A 583 3.07 -31.82 26.79
N ARG A 584 1.97 -32.31 27.34
CA ARG A 584 1.78 -33.75 27.46
C ARG A 584 0.83 -34.30 26.39
N PHE A 585 0.16 -33.40 25.67
CA PHE A 585 -0.80 -33.81 24.65
C PHE A 585 -0.22 -34.76 23.60
N MET A 586 1.03 -34.55 23.21
CA MET A 586 1.63 -35.43 22.22
C MET A 586 1.79 -36.84 22.80
N GLU A 587 2.21 -36.92 24.06
CA GLU A 587 2.39 -38.21 24.70
C GLU A 587 1.05 -38.96 24.75
N TYR A 588 -0.04 -38.23 24.93
CA TYR A 588 -1.35 -38.85 24.99
C TYR A 588 -1.78 -39.36 23.61
N GLU A 589 -1.22 -38.76 22.55
CA GLU A 589 -1.53 -39.13 21.18
C GLU A 589 -0.46 -40.04 20.58
N THR A 590 -0.15 -41.11 21.30
CA THR A 590 0.84 -42.06 20.84
C THR A 590 0.21 -43.44 20.79
N ASP A 591 0.93 -44.39 20.21
CA ASP A 591 0.45 -45.77 20.07
C ASP A 591 -0.87 -45.74 19.31
N LEU A 592 -0.90 -44.95 18.23
CA LEU A 592 -2.11 -44.80 17.43
C LEU A 592 -2.28 -45.83 16.31
N THR A 593 -3.49 -45.86 15.78
CA THR A 593 -3.83 -46.73 14.66
C THR A 593 -4.13 -45.83 13.46
N PHE A 594 -3.27 -45.91 12.45
CA PHE A 594 -3.44 -45.12 11.24
C PHE A 594 -4.74 -45.51 10.56
N VAL A 595 -5.58 -44.53 10.26
CA VAL A 595 -6.86 -44.80 9.60
C VAL A 595 -6.80 -44.37 8.13
N GLY A 596 -6.47 -43.10 7.88
CA GLY A 596 -6.40 -42.63 6.51
C GLY A 596 -5.77 -41.27 6.34
N VAL A 597 -5.89 -40.75 5.11
CA VAL A 597 -5.37 -39.45 4.75
C VAL A 597 -6.41 -38.75 3.91
N VAL A 598 -6.57 -37.45 4.14
CA VAL A 598 -7.48 -36.64 3.37
C VAL A 598 -6.61 -35.52 2.81
N GLY A 599 -6.81 -35.20 1.54
CA GLY A 599 -6.05 -34.15 0.89
C GLY A 599 -7.01 -33.10 0.41
N MET A 600 -6.77 -31.86 0.81
CA MET A 600 -7.66 -30.79 0.43
C MET A 600 -6.94 -29.72 -0.37
N LEU A 601 -7.73 -28.98 -1.16
CA LEU A 601 -7.19 -27.93 -1.99
C LEU A 601 -7.72 -26.54 -1.67
N ASP A 602 -6.79 -25.59 -1.70
CA ASP A 602 -7.11 -24.17 -1.51
C ASP A 602 -6.67 -23.69 -2.89
N PRO A 603 -7.62 -23.61 -3.83
CA PRO A 603 -7.38 -23.19 -5.21
C PRO A 603 -6.96 -21.75 -5.47
N PRO A 604 -6.05 -21.57 -6.43
CA PRO A 604 -5.54 -20.25 -6.83
C PRO A 604 -6.71 -19.46 -7.40
N ARG A 605 -6.68 -18.15 -7.26
CA ARG A 605 -7.72 -17.31 -7.84
C ARG A 605 -7.67 -17.61 -9.34
N LYS A 606 -8.83 -17.52 -10.00
CA LYS A 606 -8.89 -17.79 -11.43
C LYS A 606 -8.04 -16.81 -12.25
N GLU A 607 -7.85 -15.60 -11.72
CA GLU A 607 -7.08 -14.57 -12.43
C GLU A 607 -5.60 -14.53 -12.09
N VAL A 608 -5.21 -15.17 -10.99
CA VAL A 608 -3.82 -15.16 -10.54
C VAL A 608 -2.81 -15.63 -11.58
N MET A 609 -3.13 -16.71 -12.27
CA MET A 609 -2.24 -17.27 -13.30
C MET A 609 -1.88 -16.18 -14.32
N GLY A 610 -2.90 -15.52 -14.86
CA GLY A 610 -2.68 -14.48 -15.84
C GLY A 610 -1.88 -13.30 -15.29
N SER A 611 -2.29 -12.81 -14.13
CA SER A 611 -1.61 -11.69 -13.51
C SER A 611 -0.13 -11.97 -13.27
N ILE A 612 0.19 -13.20 -12.88
CA ILE A 612 1.58 -13.55 -12.64
C ILE A 612 2.34 -13.43 -13.95
N GLN A 613 1.71 -13.82 -15.05
CA GLN A 613 2.34 -13.74 -16.36
C GLN A 613 2.53 -12.27 -16.77
N LEU A 614 1.56 -11.42 -16.44
CA LEU A 614 1.70 -10.00 -16.76
C LEU A 614 2.95 -9.46 -16.07
N CYS A 615 3.16 -9.89 -14.82
CA CYS A 615 4.33 -9.45 -14.06
C CYS A 615 5.62 -9.86 -14.74
N ARG A 616 5.65 -11.07 -15.28
CA ARG A 616 6.84 -11.57 -15.97
C ARG A 616 7.11 -10.69 -17.19
N ASP A 617 6.05 -10.36 -17.93
CA ASP A 617 6.18 -9.53 -19.12
C ASP A 617 6.63 -8.14 -18.70
N ALA A 618 6.04 -7.64 -17.61
CA ALA A 618 6.37 -6.30 -17.13
C ALA A 618 7.70 -6.26 -16.39
N GLY A 619 8.37 -7.40 -16.26
CA GLY A 619 9.64 -7.40 -15.56
C GLY A 619 9.49 -7.20 -14.05
N ILE A 620 8.34 -7.61 -13.52
CA ILE A 620 8.09 -7.47 -12.09
C ILE A 620 8.23 -8.83 -11.41
N ARG A 621 9.19 -8.94 -10.48
CA ARG A 621 9.39 -10.17 -9.74
C ARG A 621 8.27 -10.35 -8.71
N VAL A 622 7.84 -11.59 -8.53
CA VAL A 622 6.77 -11.90 -7.58
C VAL A 622 7.33 -12.87 -6.55
N ILE A 623 7.12 -12.54 -5.28
CA ILE A 623 7.58 -13.40 -4.19
C ILE A 623 6.36 -13.81 -3.38
N MET A 624 6.19 -15.12 -3.19
CA MET A 624 5.09 -15.63 -2.41
C MET A 624 5.55 -15.85 -0.96
N ILE A 625 4.73 -15.41 -0.02
CA ILE A 625 5.00 -15.63 1.39
C ILE A 625 3.85 -16.52 1.84
N THR A 626 4.16 -17.71 2.36
CA THR A 626 3.11 -18.64 2.77
C THR A 626 3.42 -19.38 4.06
N GLY A 627 2.37 -19.92 4.68
CA GLY A 627 2.53 -20.68 5.91
C GLY A 627 2.71 -22.16 5.63
N ASP A 628 2.65 -22.53 4.34
CA ASP A 628 2.84 -23.91 3.92
C ASP A 628 4.27 -24.38 4.16
N ASN A 629 4.46 -25.69 4.23
CA ASN A 629 5.81 -26.20 4.39
C ASN A 629 6.49 -25.85 3.06
N LYS A 630 7.80 -25.99 3.02
CA LYS A 630 8.57 -25.66 1.82
C LYS A 630 8.16 -26.45 0.58
N GLY A 631 8.05 -27.76 0.71
CA GLY A 631 7.67 -28.62 -0.41
C GLY A 631 6.37 -28.21 -1.10
N THR A 632 5.33 -28.00 -0.32
CA THR A 632 4.04 -27.60 -0.85
C THR A 632 4.10 -26.17 -1.39
N ALA A 633 4.87 -25.31 -0.72
CA ALA A 633 5.00 -23.92 -1.15
C ALA A 633 5.61 -23.89 -2.56
N ILE A 634 6.67 -24.64 -2.75
CA ILE A 634 7.33 -24.70 -4.04
C ILE A 634 6.33 -25.26 -5.07
N ALA A 635 5.65 -26.33 -4.70
CA ALA A 635 4.66 -26.96 -5.57
C ALA A 635 3.65 -25.93 -6.04
N ILE A 636 3.15 -25.13 -5.11
CA ILE A 636 2.18 -24.13 -5.45
C ILE A 636 2.78 -23.04 -6.33
N CYS A 637 4.05 -22.72 -6.10
CA CYS A 637 4.68 -21.70 -6.92
C CYS A 637 4.77 -22.19 -8.36
N ARG A 638 5.08 -23.47 -8.55
CA ARG A 638 5.15 -24.02 -9.90
C ARG A 638 3.76 -23.98 -10.51
N ARG A 639 2.75 -24.36 -9.73
CA ARG A 639 1.38 -24.38 -10.22
C ARG A 639 0.82 -23.05 -10.73
N ILE A 640 1.12 -21.96 -10.04
CA ILE A 640 0.59 -20.66 -10.47
C ILE A 640 1.49 -19.87 -11.43
N GLY A 641 2.68 -20.38 -11.72
CA GLY A 641 3.54 -19.68 -12.65
C GLY A 641 4.81 -19.04 -12.11
N ILE A 642 4.93 -18.88 -10.79
CA ILE A 642 6.12 -18.28 -10.23
C ILE A 642 7.37 -19.04 -10.66
N PHE A 643 7.38 -20.36 -10.44
CA PHE A 643 8.51 -21.17 -10.86
C PHE A 643 8.08 -21.98 -12.07
N GLY A 644 9.06 -22.37 -12.88
CA GLY A 644 8.76 -23.19 -14.03
C GLY A 644 8.50 -24.58 -13.48
N GLU A 645 7.71 -25.36 -14.20
CA GLU A 645 7.37 -26.71 -13.79
C GLU A 645 8.59 -27.58 -13.49
N ASN A 646 9.64 -27.40 -14.27
CA ASN A 646 10.85 -28.20 -14.11
C ASN A 646 12.09 -27.42 -13.74
N GLU A 647 11.94 -26.14 -13.42
CA GLU A 647 13.13 -25.35 -13.11
C GLU A 647 13.65 -25.58 -11.70
N GLU A 648 14.97 -25.50 -11.57
CA GLU A 648 15.64 -25.68 -10.28
C GLU A 648 15.31 -24.46 -9.45
N VAL A 649 15.00 -24.67 -8.17
CA VAL A 649 14.67 -23.56 -7.29
C VAL A 649 15.33 -23.69 -5.92
N ALA A 650 16.31 -24.59 -5.81
CA ALA A 650 17.03 -24.82 -4.55
C ALA A 650 17.44 -23.57 -3.80
N ASP A 651 17.90 -22.56 -4.53
CA ASP A 651 18.35 -21.31 -3.92
C ASP A 651 17.40 -20.15 -4.21
N ARG A 652 16.16 -20.48 -4.55
CA ARG A 652 15.15 -19.45 -4.83
C ARG A 652 13.92 -19.63 -3.93
N ALA A 653 14.03 -20.51 -2.96
CA ALA A 653 12.95 -20.76 -2.02
C ALA A 653 13.53 -21.06 -0.65
N TYR A 654 13.03 -20.37 0.37
CA TYR A 654 13.53 -20.56 1.74
C TYR A 654 12.43 -20.58 2.80
N THR A 655 12.69 -21.31 3.89
CA THR A 655 11.77 -21.33 5.02
C THR A 655 12.38 -20.28 5.94
N GLY A 656 11.64 -19.85 6.96
CA GLY A 656 12.19 -18.86 7.87
C GLY A 656 13.47 -19.37 8.51
N ARG A 657 13.43 -20.62 8.94
CA ARG A 657 14.57 -21.28 9.59
C ARG A 657 15.84 -21.27 8.73
N GLU A 658 15.72 -21.73 7.49
CA GLU A 658 16.86 -21.76 6.59
C GLU A 658 17.41 -20.36 6.39
N PHE A 659 16.51 -19.38 6.25
CA PHE A 659 16.91 -18.00 6.06
C PHE A 659 17.70 -17.46 7.26
N ASP A 660 17.24 -17.75 8.48
CA ASP A 660 17.93 -17.28 9.69
C ASP A 660 19.32 -17.89 9.85
N ASP A 661 19.51 -19.12 9.36
CA ASP A 661 20.79 -19.79 9.48
C ASP A 661 21.82 -19.21 8.52
N LEU A 662 21.37 -18.39 7.58
CA LEU A 662 22.28 -17.78 6.62
C LEU A 662 22.92 -16.53 7.20
N PRO A 663 24.20 -16.29 6.88
CA PRO A 663 24.88 -15.09 7.39
C PRO A 663 24.28 -13.87 6.67
N LEU A 664 24.38 -12.69 7.28
CA LEU A 664 23.80 -11.48 6.69
C LEU A 664 24.06 -11.30 5.20
N ALA A 665 25.28 -11.57 4.77
CA ALA A 665 25.63 -11.44 3.36
C ALA A 665 24.81 -12.39 2.49
N GLU A 666 24.67 -13.63 2.95
CA GLU A 666 23.91 -14.63 2.21
C GLU A 666 22.41 -14.36 2.22
N GLN A 667 21.91 -13.73 3.29
CA GLN A 667 20.49 -13.42 3.37
C GLN A 667 20.16 -12.37 2.32
N ARG A 668 21.04 -11.37 2.20
CA ARG A 668 20.84 -10.31 1.23
C ARG A 668 20.82 -10.92 -0.16
N GLU A 669 21.79 -11.77 -0.45
CA GLU A 669 21.87 -12.41 -1.76
C GLU A 669 20.65 -13.28 -2.02
N ALA A 670 20.20 -14.01 -1.00
CA ALA A 670 19.03 -14.87 -1.15
C ALA A 670 17.81 -14.07 -1.56
N CYS A 671 17.70 -12.84 -1.05
CA CYS A 671 16.56 -11.99 -1.37
C CYS A 671 16.53 -11.46 -2.79
N ARG A 672 17.68 -11.31 -3.43
CA ARG A 672 17.68 -10.80 -4.79
C ARG A 672 17.19 -11.86 -5.78
N ARG A 673 17.25 -13.14 -5.39
CA ARG A 673 16.80 -14.20 -6.29
C ARG A 673 15.60 -15.02 -5.83
N ALA A 674 15.29 -14.99 -4.55
CA ALA A 674 14.18 -15.77 -4.00
C ALA A 674 12.79 -15.33 -4.46
N CYS A 675 11.92 -16.31 -4.69
CA CYS A 675 10.55 -16.04 -5.11
C CYS A 675 9.54 -16.72 -4.18
N CYS A 676 10.05 -17.45 -3.20
CA CYS A 676 9.19 -18.18 -2.27
C CYS A 676 9.75 -18.24 -0.85
N PHE A 677 8.94 -17.78 0.11
CA PHE A 677 9.32 -17.81 1.52
C PHE A 677 8.21 -18.53 2.29
N ALA A 678 8.58 -19.62 2.94
CA ALA A 678 7.63 -20.43 3.71
C ALA A 678 7.97 -20.44 5.20
N ARG A 679 6.94 -20.55 6.04
CA ARG A 679 7.12 -20.60 7.49
C ARG A 679 8.06 -19.46 7.89
N VAL A 680 7.63 -18.24 7.61
CA VAL A 680 8.41 -17.04 7.87
C VAL A 680 8.18 -16.42 9.24
N GLU A 681 9.29 -16.17 9.93
CA GLU A 681 9.31 -15.55 11.25
C GLU A 681 8.59 -14.21 11.27
N PRO A 682 8.34 -13.66 12.48
CA PRO A 682 7.65 -12.38 12.63
C PRO A 682 8.33 -11.14 12.03
N SER A 683 9.65 -11.09 12.06
CA SER A 683 10.36 -9.94 11.52
C SER A 683 10.91 -10.13 10.11
N HIS A 684 10.76 -11.32 9.54
CA HIS A 684 11.28 -11.57 8.19
C HIS A 684 10.75 -10.63 7.11
N LYS A 685 9.46 -10.29 7.14
CA LYS A 685 8.93 -9.39 6.12
C LYS A 685 9.72 -8.09 6.11
N SER A 686 9.99 -7.55 7.30
CA SER A 686 10.75 -6.30 7.38
C SER A 686 12.18 -6.49 6.89
N LYS A 687 12.81 -7.60 7.25
CA LYS A 687 14.17 -7.86 6.81
C LYS A 687 14.22 -8.08 5.31
N ILE A 688 13.18 -8.70 4.76
CA ILE A 688 13.13 -8.96 3.34
C ILE A 688 13.01 -7.62 2.61
N VAL A 689 12.16 -6.74 3.11
CA VAL A 689 12.01 -5.43 2.50
C VAL A 689 13.34 -4.69 2.56
N GLU A 690 13.97 -4.74 3.71
CA GLU A 690 15.25 -4.07 3.89
C GLU A 690 16.25 -4.54 2.85
N TYR A 691 16.39 -5.85 2.68
CA TYR A 691 17.33 -6.39 1.70
C TYR A 691 16.97 -6.02 0.26
N LEU A 692 15.68 -6.00 -0.04
CA LEU A 692 15.23 -5.65 -1.38
C LEU A 692 15.58 -4.19 -1.71
N GLN A 693 15.43 -3.31 -0.73
CA GLN A 693 15.74 -1.90 -0.93
C GLN A 693 17.24 -1.68 -1.13
N SER A 694 18.06 -2.57 -0.58
CA SER A 694 19.51 -2.44 -0.72
C SER A 694 19.93 -2.82 -2.14
N TYR A 695 18.95 -2.97 -3.03
CA TYR A 695 19.21 -3.28 -4.43
C TYR A 695 18.41 -2.28 -5.24
N ASP A 696 17.82 -1.32 -4.53
CA ASP A 696 17.00 -0.26 -5.12
C ASP A 696 15.68 -0.74 -5.73
N GLU A 697 15.18 -1.88 -5.26
CA GLU A 697 13.91 -2.42 -5.74
C GLU A 697 12.76 -1.58 -5.16
N ILE A 698 11.73 -1.30 -5.96
CA ILE A 698 10.56 -0.59 -5.42
C ILE A 698 9.68 -1.77 -5.01
N THR A 699 9.53 -1.97 -3.70
CA THR A 699 8.77 -3.11 -3.18
C THR A 699 7.33 -2.91 -2.73
N ALA A 700 6.47 -3.82 -3.15
CA ALA A 700 5.07 -3.81 -2.74
C ALA A 700 5.00 -5.04 -1.82
N MET A 701 4.45 -4.85 -0.62
CA MET A 701 4.34 -5.93 0.37
C MET A 701 2.91 -5.95 0.93
N THR A 702 2.32 -7.12 1.06
CA THR A 702 0.96 -7.24 1.60
C THR A 702 1.04 -7.58 3.10
N GLY A 703 -0.05 -7.30 3.82
CA GLY A 703 -0.14 -7.58 5.26
C GLY A 703 -1.55 -7.26 5.74
N ASP A 704 -1.93 -7.66 6.95
CA ASP A 704 -3.29 -7.35 7.42
C ASP A 704 -3.49 -7.06 8.92
N GLY A 705 -2.57 -7.52 9.77
CA GLY A 705 -2.69 -7.28 11.21
C GLY A 705 -1.67 -6.28 11.73
N VAL A 706 -1.76 -5.88 13.01
CA VAL A 706 -0.81 -4.93 13.55
C VAL A 706 0.62 -5.45 13.42
N ASN A 707 0.79 -6.76 13.46
CA ASN A 707 2.13 -7.32 13.33
C ASN A 707 2.72 -7.14 11.91
N ASP A 708 1.89 -6.73 10.94
CA ASP A 708 2.39 -6.51 9.58
C ASP A 708 2.67 -5.02 9.38
N ALA A 709 2.14 -4.18 10.28
CA ALA A 709 2.33 -2.73 10.19
C ALA A 709 3.76 -2.27 9.93
N PRO A 710 4.74 -2.79 10.69
CA PRO A 710 6.11 -2.35 10.44
C PRO A 710 6.55 -2.55 8.98
N ALA A 711 6.38 -3.76 8.45
CA ALA A 711 6.77 -4.05 7.07
C ALA A 711 5.97 -3.28 6.03
N LEU A 712 4.67 -3.06 6.30
CA LEU A 712 3.82 -2.31 5.39
C LEU A 712 4.31 -0.88 5.28
N LYS A 713 4.73 -0.34 6.41
CA LYS A 713 5.22 1.02 6.45
C LYS A 713 6.58 1.12 5.76
N LYS A 714 7.42 0.11 5.92
CA LYS A 714 8.73 0.14 5.30
C LYS A 714 8.73 -0.05 3.78
N ALA A 715 7.86 -0.91 3.28
CA ALA A 715 7.77 -1.15 1.83
C ALA A 715 7.41 0.14 1.10
N GLU A 716 7.94 0.33 -0.11
CA GLU A 716 7.59 1.53 -0.86
C GLU A 716 6.07 1.55 -1.04
N ILE A 717 5.47 0.37 -1.18
CA ILE A 717 4.03 0.29 -1.35
C ILE A 717 3.44 -0.76 -0.41
N GLY A 718 3.03 -0.34 0.79
CA GLY A 718 2.43 -1.28 1.71
C GLY A 718 1.02 -1.58 1.21
N ILE A 719 0.67 -2.86 1.12
CA ILE A 719 -0.65 -3.22 0.62
C ILE A 719 -1.46 -4.01 1.64
N ALA A 720 -2.54 -3.42 2.12
CA ALA A 720 -3.40 -4.04 3.12
C ALA A 720 -4.65 -4.68 2.51
N MET A 721 -5.17 -5.68 3.20
CA MET A 721 -6.37 -6.38 2.75
C MET A 721 -7.61 -5.57 3.13
N GLY A 722 -8.63 -5.61 2.27
CA GLY A 722 -9.84 -4.89 2.58
C GLY A 722 -10.49 -5.49 3.81
N SER A 723 -10.26 -6.79 4.00
CA SER A 723 -10.82 -7.50 5.15
C SER A 723 -9.90 -7.52 6.37
N GLY A 724 -8.82 -6.74 6.33
CA GLY A 724 -7.87 -6.73 7.45
C GLY A 724 -8.12 -5.65 8.49
N THR A 725 -7.15 -5.45 9.39
CA THR A 725 -7.28 -4.46 10.44
C THR A 725 -7.18 -3.03 9.92
N ALA A 726 -7.78 -2.10 10.66
CA ALA A 726 -7.74 -0.70 10.28
C ALA A 726 -6.30 -0.20 10.40
N VAL A 727 -5.56 -0.78 11.34
CA VAL A 727 -4.16 -0.40 11.54
C VAL A 727 -3.33 -0.73 10.31
N ALA A 728 -3.43 -1.96 9.80
CA ALA A 728 -2.70 -2.34 8.60
C ALA A 728 -3.06 -1.36 7.46
N LYS A 729 -4.35 -1.08 7.31
CA LYS A 729 -4.82 -0.16 6.29
C LYS A 729 -4.21 1.24 6.44
N THR A 730 -4.20 1.76 7.66
CA THR A 730 -3.66 3.08 7.90
C THR A 730 -2.16 3.13 7.64
N ALA A 731 -1.50 1.98 7.73
CA ALA A 731 -0.07 1.91 7.49
C ALA A 731 0.26 1.59 6.03
N SER A 732 -0.77 1.43 5.21
CA SER A 732 -0.54 1.07 3.82
C SER A 732 -0.81 2.17 2.80
N GLU A 733 -0.18 2.08 1.64
CA GLU A 733 -0.41 3.07 0.57
C GLU A 733 -1.66 2.70 -0.19
N MET A 734 -1.98 1.40 -0.20
CA MET A 734 -3.13 0.88 -0.93
C MET A 734 -3.86 -0.25 -0.20
N VAL A 735 -5.18 -0.32 -0.39
CA VAL A 735 -5.99 -1.35 0.20
C VAL A 735 -6.70 -2.16 -0.90
N LEU A 736 -6.63 -3.47 -0.81
CA LEU A 736 -7.28 -4.33 -1.80
C LEU A 736 -8.69 -4.61 -1.30
N ALA A 737 -9.68 -3.91 -1.86
CA ALA A 737 -11.06 -4.07 -1.43
C ALA A 737 -11.53 -5.50 -1.64
N ASP A 738 -10.82 -6.26 -2.48
CA ASP A 738 -11.20 -7.64 -2.72
C ASP A 738 -10.11 -8.65 -2.34
N ASP A 739 -9.05 -8.17 -1.67
CA ASP A 739 -7.95 -9.02 -1.22
C ASP A 739 -7.22 -9.77 -2.35
N ASN A 740 -7.64 -9.57 -3.59
CA ASN A 740 -7.09 -10.28 -4.74
C ASN A 740 -5.75 -9.80 -5.30
N PHE A 741 -4.79 -10.72 -5.38
CA PHE A 741 -3.47 -10.40 -5.92
C PHE A 741 -3.60 -9.70 -7.28
N SER A 742 -4.53 -10.16 -8.11
CA SER A 742 -4.69 -9.57 -9.42
C SER A 742 -5.06 -8.09 -9.32
N THR A 743 -5.64 -7.67 -8.20
CA THR A 743 -5.98 -6.27 -8.06
C THR A 743 -4.71 -5.42 -7.96
N ILE A 744 -3.62 -6.03 -7.47
CA ILE A 744 -2.35 -5.31 -7.34
C ILE A 744 -1.75 -5.07 -8.73
N VAL A 745 -1.68 -6.11 -9.54
CA VAL A 745 -1.14 -6.02 -10.89
C VAL A 745 -1.89 -4.97 -11.71
N ALA A 746 -3.21 -4.98 -11.63
CA ALA A 746 -4.03 -4.02 -12.36
C ALA A 746 -3.73 -2.60 -11.89
N ALA A 747 -3.35 -2.44 -10.62
CA ALA A 747 -3.05 -1.13 -10.10
C ALA A 747 -1.66 -0.70 -10.58
N VAL A 748 -0.74 -1.64 -10.69
CA VAL A 748 0.58 -1.30 -11.18
C VAL A 748 0.47 -0.77 -12.60
N GLU A 749 -0.35 -1.42 -13.42
CA GLU A 749 -0.51 -0.98 -14.80
C GLU A 749 -1.11 0.41 -14.84
N GLU A 750 -2.16 0.62 -14.07
CA GLU A 750 -2.80 1.92 -14.01
C GLU A 750 -1.74 2.95 -13.61
N GLY A 751 -0.85 2.54 -12.71
CA GLY A 751 0.21 3.43 -12.26
C GLY A 751 1.16 3.80 -13.40
N ARG A 752 1.50 2.81 -14.22
CA ARG A 752 2.39 3.07 -15.34
C ARG A 752 1.75 4.03 -16.34
N ALA A 753 0.45 3.88 -16.56
CA ALA A 753 -0.29 4.72 -17.49
C ALA A 753 -0.52 6.15 -16.98
N ILE A 754 -0.84 6.30 -15.71
CA ILE A 754 -1.06 7.62 -15.14
C ILE A 754 0.24 8.43 -15.30
N TYR A 755 1.35 7.82 -14.90
CA TYR A 755 2.63 8.50 -14.98
C TYR A 755 3.03 8.93 -16.38
N ASN A 756 2.84 8.06 -17.37
CA ASN A 756 3.21 8.42 -18.73
C ASN A 756 2.50 9.71 -19.11
N ASN A 757 1.20 9.80 -18.81
CA ASN A 757 0.45 11.00 -19.11
C ASN A 757 0.98 12.18 -18.28
N MET A 758 1.29 11.94 -17.01
CA MET A 758 1.82 13.01 -16.16
C MET A 758 3.12 13.55 -16.75
N LYS A 759 4.00 12.65 -17.20
CA LYS A 759 5.26 13.07 -17.80
C LYS A 759 5.04 14.08 -18.91
N GLN A 760 3.99 13.86 -19.70
CA GLN A 760 3.70 14.77 -20.79
C GLN A 760 3.22 16.14 -20.33
N PHE A 761 2.23 16.20 -19.44
CA PHE A 761 1.77 17.51 -19.02
C PHE A 761 2.75 18.24 -18.11
N ILE A 762 3.69 17.50 -17.54
CA ILE A 762 4.70 18.14 -16.69
C ILE A 762 5.70 18.78 -17.65
N ARG A 763 6.11 18.05 -18.69
CA ARG A 763 7.05 18.60 -19.65
C ARG A 763 6.38 19.74 -20.38
N TYR A 764 5.08 19.62 -20.60
CA TYR A 764 4.30 20.65 -21.27
C TYR A 764 4.33 21.95 -20.49
N LEU A 765 3.95 21.89 -19.22
CA LEU A 765 3.92 23.08 -18.37
C LEU A 765 5.28 23.69 -18.13
N ILE A 766 6.28 22.88 -17.81
CA ILE A 766 7.61 23.41 -17.55
C ILE A 766 8.19 24.00 -18.82
N SER A 767 7.81 23.44 -19.95
CA SER A 767 8.29 23.92 -21.24
C SER A 767 7.85 25.38 -21.41
N SER A 768 6.58 25.66 -21.12
CA SER A 768 6.06 27.00 -21.26
C SER A 768 6.76 27.98 -20.32
N ASN A 769 7.16 27.53 -19.14
CA ASN A 769 7.84 28.42 -18.20
C ASN A 769 9.20 28.81 -18.79
N VAL A 770 9.83 27.88 -19.49
CA VAL A 770 11.12 28.15 -20.11
C VAL A 770 10.95 29.30 -21.12
N GLY A 771 9.89 29.21 -21.92
CA GLY A 771 9.64 30.24 -22.91
C GLY A 771 9.34 31.58 -22.28
N GLU A 772 8.60 31.57 -21.18
CA GLU A 772 8.26 32.79 -20.47
C GLU A 772 9.50 33.48 -19.91
N VAL A 773 10.44 32.67 -19.41
CA VAL A 773 11.67 33.21 -18.85
C VAL A 773 12.53 33.83 -19.95
N VAL A 774 12.47 33.25 -21.14
CA VAL A 774 13.25 33.79 -22.25
C VAL A 774 12.69 35.14 -22.62
N CYS A 775 11.35 35.22 -22.69
CA CYS A 775 10.69 36.46 -23.03
C CYS A 775 11.07 37.57 -22.05
N ILE A 776 10.99 37.27 -20.76
CA ILE A 776 11.33 38.24 -19.73
C ILE A 776 12.82 38.58 -19.79
N PHE A 777 13.64 37.63 -20.24
CA PHE A 777 15.08 37.87 -20.33
C PHE A 777 15.42 38.70 -21.56
N LEU A 778 14.88 38.30 -22.70
CA LEU A 778 15.11 39.01 -23.95
C LEU A 778 14.68 40.46 -23.84
N THR A 779 13.55 40.66 -23.15
CA THR A 779 13.01 42.00 -22.96
C THR A 779 13.89 42.83 -22.03
N ALA A 780 14.39 42.21 -20.96
CA ALA A 780 15.23 42.92 -20.00
C ALA A 780 16.67 43.08 -20.49
N ALA A 781 17.06 42.27 -21.47
CA ALA A 781 18.41 42.34 -22.01
C ALA A 781 18.48 43.33 -23.18
N LEU A 782 17.32 43.60 -23.77
CA LEU A 782 17.24 44.54 -24.89
C LEU A 782 16.73 45.89 -24.39
N GLY A 783 16.49 45.99 -23.10
CA GLY A 783 15.99 47.24 -22.53
C GLY A 783 14.66 47.62 -23.14
N LEU A 784 13.86 46.61 -23.49
CA LEU A 784 12.55 46.82 -24.10
C LEU A 784 11.45 46.94 -23.05
N PRO A 785 10.30 47.50 -23.43
CA PRO A 785 9.18 47.65 -22.50
C PRO A 785 8.59 46.27 -22.24
N GLU A 786 8.23 45.98 -20.99
CA GLU A 786 7.67 44.68 -20.64
C GLU A 786 6.61 44.18 -21.61
N ALA A 787 6.79 42.95 -22.09
CA ALA A 787 5.86 42.35 -23.02
C ALA A 787 4.77 41.59 -22.27
N LEU A 788 5.15 40.96 -21.17
CA LEU A 788 4.22 40.19 -20.35
C LEU A 788 4.42 40.53 -18.87
N ILE A 789 3.32 40.81 -18.18
CA ILE A 789 3.39 41.13 -16.76
C ILE A 789 2.83 40.02 -15.89
N PRO A 790 3.32 39.93 -14.64
CA PRO A 790 2.95 38.95 -13.61
C PRO A 790 1.51 38.43 -13.63
N VAL A 791 0.55 39.34 -13.58
CA VAL A 791 -0.86 38.96 -13.58
C VAL A 791 -1.26 38.16 -14.83
N GLN A 792 -0.66 38.47 -15.96
CA GLN A 792 -0.98 37.76 -17.19
C GLN A 792 -0.37 36.36 -17.13
N LEU A 793 0.93 36.31 -16.85
CA LEU A 793 1.63 35.03 -16.75
C LEU A 793 0.89 34.08 -15.82
N LEU A 794 0.45 34.59 -14.66
CA LEU A 794 -0.26 33.77 -13.69
C LEU A 794 -1.56 33.18 -14.24
N TRP A 795 -2.29 33.97 -15.02
CA TRP A 795 -3.53 33.48 -15.60
C TRP A 795 -3.23 32.37 -16.60
N VAL A 796 -2.13 32.52 -17.33
CA VAL A 796 -1.74 31.51 -18.33
C VAL A 796 -1.26 30.20 -17.69
N ASN A 797 -0.49 30.31 -16.60
CA ASN A 797 0.04 29.13 -15.92
C ASN A 797 -0.96 28.39 -15.02
N LEU A 798 -2.01 29.06 -14.61
CA LEU A 798 -3.01 28.44 -13.75
C LEU A 798 -4.25 28.03 -14.52
N VAL A 799 -4.72 28.93 -15.39
CA VAL A 799 -5.92 28.70 -16.17
C VAL A 799 -5.69 28.25 -17.61
N THR A 800 -5.32 29.19 -18.47
CA THR A 800 -5.08 28.92 -19.88
C THR A 800 -4.36 27.60 -20.17
N ASP A 801 -3.19 27.41 -19.56
CA ASP A 801 -2.40 26.20 -19.78
C ASP A 801 -2.79 25.05 -18.85
N GLY A 802 -3.42 25.37 -17.72
CA GLY A 802 -3.85 24.35 -16.79
C GLY A 802 -4.90 23.42 -17.37
N LEU A 803 -5.78 23.95 -18.22
CA LEU A 803 -6.83 23.12 -18.82
C LEU A 803 -6.26 22.05 -19.75
N PRO A 804 -5.39 22.46 -20.70
CA PRO A 804 -4.78 21.51 -21.64
C PRO A 804 -3.91 20.51 -20.90
N ALA A 805 -3.18 20.99 -19.89
CA ALA A 805 -2.30 20.14 -19.10
C ALA A 805 -3.13 18.98 -18.53
N THR A 806 -4.21 19.34 -17.85
CA THR A 806 -5.09 18.35 -17.25
C THR A 806 -5.58 17.37 -18.32
N ALA A 807 -5.97 17.90 -19.48
CA ALA A 807 -6.46 17.05 -20.56
C ALA A 807 -5.40 16.07 -21.00
N LEU A 808 -4.15 16.51 -21.04
CA LEU A 808 -3.06 15.63 -21.43
C LEU A 808 -3.04 14.42 -20.49
N GLY A 809 -3.58 14.60 -19.28
CA GLY A 809 -3.62 13.53 -18.31
C GLY A 809 -4.56 12.44 -18.78
N PHE A 810 -5.29 12.70 -19.85
CA PHE A 810 -6.22 11.72 -20.38
C PHE A 810 -5.71 11.11 -21.69
N ASN A 811 -4.43 11.31 -21.98
CA ASN A 811 -3.84 10.74 -23.18
C ASN A 811 -4.00 9.21 -23.17
N PRO A 812 -4.41 8.63 -24.30
CA PRO A 812 -4.56 7.18 -24.35
C PRO A 812 -3.23 6.49 -24.03
N PRO A 813 -3.26 5.37 -23.30
CA PRO A 813 -2.04 4.64 -22.93
C PRO A 813 -1.44 3.83 -24.06
N ASP A 814 -0.11 3.64 -24.04
CA ASP A 814 0.54 2.86 -25.06
C ASP A 814 0.10 1.40 -24.87
N LEU A 815 0.03 0.66 -25.97
CA LEU A 815 -0.40 -0.73 -25.92
C LEU A 815 0.63 -1.68 -25.31
N ASP A 816 1.89 -1.27 -25.25
CA ASP A 816 2.92 -2.12 -24.67
C ASP A 816 3.30 -1.66 -23.26
N ILE A 817 2.33 -1.09 -22.56
CA ILE A 817 2.55 -0.62 -21.19
C ILE A 817 3.14 -1.72 -20.31
N MET A 818 2.50 -2.89 -20.28
CA MET A 818 2.99 -4.00 -19.45
C MET A 818 4.03 -4.93 -20.07
N ASP A 819 4.54 -4.57 -21.25
CA ASP A 819 5.56 -5.38 -21.90
C ASP A 819 6.93 -4.77 -21.71
N ARG A 820 6.98 -3.72 -20.91
CA ARG A 820 8.22 -3.02 -20.63
C ARG A 820 8.62 -3.22 -19.17
N PRO A 821 9.93 -3.21 -18.90
CA PRO A 821 10.46 -3.40 -17.54
C PRO A 821 10.08 -2.23 -16.64
N PRO A 822 10.30 -2.37 -15.32
CA PRO A 822 9.95 -1.26 -14.42
C PRO A 822 10.77 -0.03 -14.79
N ARG A 823 10.10 1.11 -14.79
CA ARG A 823 10.79 2.36 -15.10
C ARG A 823 11.71 2.67 -13.92
N SER A 824 12.95 3.05 -14.23
CA SER A 824 13.93 3.38 -13.21
C SER A 824 13.57 4.67 -12.47
N PRO A 825 13.57 4.63 -11.13
CA PRO A 825 13.24 5.82 -10.33
C PRO A 825 14.05 7.04 -10.73
N LYS A 826 15.35 6.83 -10.98
CA LYS A 826 16.27 7.89 -11.35
C LYS A 826 16.01 8.50 -12.72
N GLU A 827 15.10 7.92 -13.49
CA GLU A 827 14.81 8.41 -14.83
C GLU A 827 14.36 9.88 -14.88
N PRO A 828 15.21 10.77 -15.41
CA PRO A 828 14.82 12.18 -15.49
C PRO A 828 13.64 12.37 -16.43
N LEU A 829 12.87 13.42 -16.22
CA LEU A 829 11.73 13.69 -17.08
C LEU A 829 12.16 14.37 -18.37
N ILE A 830 13.24 15.14 -18.29
CA ILE A 830 13.75 15.89 -19.43
C ILE A 830 15.28 15.89 -19.47
N SER A 831 15.85 15.41 -20.57
CA SER A 831 17.30 15.35 -20.72
C SER A 831 17.64 15.05 -22.18
N GLY A 832 18.92 14.94 -22.47
CA GLY A 832 19.34 14.64 -23.84
C GLY A 832 18.72 15.51 -24.91
N TRP A 833 18.27 14.87 -25.99
CA TRP A 833 17.66 15.55 -27.13
C TRP A 833 16.38 16.29 -26.77
N LEU A 834 15.67 15.81 -25.75
CA LEU A 834 14.43 16.46 -25.34
C LEU A 834 14.78 17.81 -24.71
N PHE A 835 15.88 17.84 -23.96
CA PHE A 835 16.36 19.06 -23.31
C PHE A 835 16.67 20.11 -24.38
N PHE A 836 17.22 19.67 -25.50
CA PHE A 836 17.54 20.60 -26.58
C PHE A 836 16.26 21.12 -27.22
N ARG A 837 15.32 20.20 -27.47
CA ARG A 837 14.05 20.58 -28.09
C ARG A 837 13.35 21.68 -27.33
N TYR A 838 13.28 21.53 -26.01
CA TYR A 838 12.62 22.53 -25.17
C TYR A 838 13.51 23.74 -25.00
N MET A 839 14.74 23.61 -25.45
CA MET A 839 15.71 24.68 -25.40
C MET A 839 15.41 25.50 -26.65
N ALA A 840 15.04 24.80 -27.71
CA ALA A 840 14.71 25.44 -28.98
C ALA A 840 13.31 26.04 -28.94
N ILE A 841 12.36 25.30 -28.39
CA ILE A 841 10.99 25.79 -28.29
C ILE A 841 10.95 27.02 -27.36
N GLY A 842 11.71 26.95 -26.28
CA GLY A 842 11.75 28.06 -25.34
C GLY A 842 12.29 29.33 -25.99
N GLY A 843 13.40 29.18 -26.72
CA GLY A 843 13.98 30.32 -27.40
C GLY A 843 12.98 30.87 -28.39
N TYR A 844 12.23 29.97 -29.01
CA TYR A 844 11.22 30.36 -29.99
C TYR A 844 10.13 31.20 -29.33
N VAL A 845 9.50 30.65 -28.29
CA VAL A 845 8.45 31.36 -27.58
C VAL A 845 8.92 32.70 -27.03
N GLY A 846 10.15 32.75 -26.53
CA GLY A 846 10.68 33.99 -26.00
C GLY A 846 10.78 35.08 -27.04
N ALA A 847 11.27 34.73 -28.23
CA ALA A 847 11.40 35.69 -29.31
C ALA A 847 10.06 36.03 -29.96
N ALA A 848 9.15 35.06 -29.97
CA ALA A 848 7.84 35.27 -30.58
C ALA A 848 6.99 36.28 -29.80
N THR A 849 7.02 36.18 -28.48
CA THR A 849 6.24 37.10 -27.66
C THR A 849 6.88 38.49 -27.64
N VAL A 850 8.18 38.54 -27.37
CA VAL A 850 8.90 39.81 -27.35
C VAL A 850 8.77 40.44 -28.75
N GLY A 851 8.86 39.60 -29.76
CA GLY A 851 8.74 40.08 -31.13
C GLY A 851 7.37 40.68 -31.41
N ALA A 852 6.32 39.91 -31.14
CA ALA A 852 4.96 40.37 -31.37
C ALA A 852 4.68 41.75 -30.76
N ALA A 853 5.19 41.99 -29.56
CA ALA A 853 4.98 43.27 -28.90
C ALA A 853 5.79 44.37 -29.59
N ALA A 854 7.05 44.06 -29.90
CA ALA A 854 7.91 45.03 -30.58
C ALA A 854 7.32 45.34 -31.96
N TRP A 855 6.64 44.36 -32.54
CA TRP A 855 6.01 44.52 -33.85
C TRP A 855 4.97 45.63 -33.79
N TRP A 856 4.10 45.57 -32.79
CA TRP A 856 3.08 46.58 -32.65
C TRP A 856 3.72 47.94 -32.48
N PHE A 857 4.78 48.00 -31.67
CA PHE A 857 5.49 49.24 -31.41
C PHE A 857 6.24 49.77 -32.64
N MET A 858 6.22 49.01 -33.73
CA MET A 858 6.92 49.44 -34.93
C MET A 858 6.17 49.25 -36.24
N TYR A 859 6.37 48.11 -36.88
CA TYR A 859 5.75 47.82 -38.17
C TYR A 859 4.25 47.59 -38.12
N ALA A 860 3.57 48.18 -37.14
CA ALA A 860 2.12 48.03 -37.02
C ALA A 860 1.41 49.36 -37.21
N GLU A 861 0.38 49.37 -38.05
CA GLU A 861 -0.36 50.60 -38.32
C GLU A 861 -0.99 51.17 -37.05
N ASP A 862 -1.82 50.37 -36.41
CA ASP A 862 -2.52 50.78 -35.19
C ASP A 862 -1.63 51.49 -34.17
N GLY A 863 -0.34 51.16 -34.17
CA GLY A 863 0.57 51.77 -33.22
C GLY A 863 1.68 52.58 -33.86
N PRO A 864 2.53 53.22 -33.04
CA PRO A 864 3.64 54.04 -33.54
C PRO A 864 4.45 53.28 -34.58
N GLY A 865 4.22 53.62 -35.85
CA GLY A 865 4.94 52.95 -36.92
C GLY A 865 6.43 53.20 -36.93
N VAL A 866 6.99 53.53 -35.77
CA VAL A 866 8.42 53.81 -35.65
C VAL A 866 9.30 52.59 -35.86
N THR A 867 9.49 52.22 -37.13
CA THR A 867 10.30 51.06 -37.52
C THR A 867 11.79 51.33 -37.31
N TYR A 868 12.50 50.34 -36.79
CA TYR A 868 13.93 50.47 -36.53
C TYR A 868 14.21 51.61 -35.57
N HIS A 869 13.16 52.08 -34.90
CA HIS A 869 13.29 53.17 -33.95
C HIS A 869 13.97 52.67 -32.68
N GLN A 870 13.76 51.40 -32.39
CA GLN A 870 14.37 50.78 -31.23
C GLN A 870 13.89 51.38 -29.90
N LEU A 871 13.00 50.65 -29.23
CA LEU A 871 12.46 51.08 -27.94
C LEU A 871 13.61 51.04 -26.94
N THR A 872 14.64 50.28 -27.31
CA THR A 872 15.84 50.12 -26.49
C THR A 872 16.42 51.49 -26.18
N HIS A 873 16.52 52.32 -27.22
CA HIS A 873 17.07 53.65 -27.08
C HIS A 873 16.69 54.34 -25.77
N PHE A 874 15.40 54.43 -25.47
CA PHE A 874 14.98 55.07 -24.24
C PHE A 874 13.58 54.70 -23.75
N MET A 875 13.32 55.04 -22.50
CA MET A 875 12.04 54.79 -21.86
C MET A 875 11.89 55.76 -20.70
N GLN A 876 12.52 56.92 -20.85
CA GLN A 876 12.47 57.95 -19.82
C GLN A 876 11.89 59.25 -20.39
N CYS A 877 12.20 59.51 -21.66
CA CYS A 877 11.72 60.71 -22.35
C CYS A 877 12.14 61.96 -21.58
N THR A 878 13.32 61.90 -20.97
CA THR A 878 13.85 63.03 -20.20
C THR A 878 14.59 63.97 -21.15
N GLU A 879 15.03 63.43 -22.28
CA GLU A 879 15.75 64.21 -23.27
C GLU A 879 14.89 64.46 -24.51
N ASP A 880 14.11 63.46 -24.90
CA ASP A 880 13.24 63.57 -26.06
C ASP A 880 14.02 63.89 -27.33
N HIS A 881 14.89 62.99 -27.73
CA HIS A 881 15.70 63.17 -28.93
C HIS A 881 14.97 62.72 -30.19
N PRO A 882 14.44 61.49 -30.20
CA PRO A 882 13.73 60.98 -31.37
C PRO A 882 12.48 61.80 -31.72
N HIS A 883 11.53 61.85 -30.80
CA HIS A 883 10.29 62.59 -31.01
C HIS A 883 10.67 64.08 -31.04
N PHE A 884 10.97 64.59 -32.23
CA PHE A 884 11.37 65.97 -32.41
C PHE A 884 10.26 66.97 -32.11
N GLU A 885 9.02 66.55 -32.25
CA GLU A 885 7.89 67.42 -31.99
C GLU A 885 6.61 66.64 -31.70
N GLY A 886 6.00 66.92 -30.54
CA GLY A 886 4.78 66.24 -30.16
C GLY A 886 4.42 66.49 -28.71
N LEU A 887 3.46 65.73 -28.19
CA LEU A 887 3.02 65.88 -26.81
C LEU A 887 2.54 64.54 -26.24
N ASP A 888 3.38 63.52 -26.35
CA ASP A 888 3.04 62.19 -25.86
C ASP A 888 4.26 61.26 -25.85
N CYS A 889 4.36 60.42 -24.81
CA CYS A 889 5.47 59.49 -24.69
C CYS A 889 5.11 58.30 -23.80
N GLU A 890 3.84 58.18 -23.43
CA GLU A 890 3.42 57.07 -22.57
C GLU A 890 2.78 55.92 -23.32
N ILE A 891 3.03 55.82 -24.62
CA ILE A 891 2.47 54.73 -25.40
C ILE A 891 3.28 53.46 -25.19
N PHE A 892 4.36 53.58 -24.43
CA PHE A 892 5.23 52.46 -24.11
C PHE A 892 4.56 51.58 -23.07
N GLU A 893 3.42 52.03 -22.57
CA GLU A 893 2.67 51.29 -21.56
C GLU A 893 1.34 50.84 -22.16
N ALA A 894 1.22 50.95 -23.47
CA ALA A 894 0.00 50.57 -24.18
C ALA A 894 -0.37 49.11 -23.93
N PRO A 895 -1.68 48.83 -23.85
CA PRO A 895 -2.15 47.46 -23.62
C PRO A 895 -2.06 46.62 -24.89
N GLU A 896 -2.26 47.27 -26.05
CA GLU A 896 -2.20 46.59 -27.34
C GLU A 896 -0.98 45.68 -27.48
N PRO A 897 0.23 46.23 -27.26
CA PRO A 897 1.44 45.41 -27.38
C PRO A 897 1.49 44.22 -26.42
N MET A 898 1.01 44.42 -25.20
CA MET A 898 1.01 43.33 -24.22
C MET A 898 -0.01 42.28 -24.64
N THR A 899 -1.09 42.73 -25.28
CA THR A 899 -2.13 41.81 -25.73
C THR A 899 -1.63 40.95 -26.90
N MET A 900 -0.69 41.49 -27.68
CA MET A 900 -0.12 40.78 -28.81
C MET A 900 0.81 39.67 -28.29
N ALA A 901 1.57 39.99 -27.26
CA ALA A 901 2.51 39.04 -26.66
C ALA A 901 1.71 37.90 -26.00
N LEU A 902 0.77 38.27 -25.15
CA LEU A 902 -0.06 37.30 -24.44
C LEU A 902 -0.82 36.40 -25.41
N SER A 903 -1.37 36.98 -26.48
CA SER A 903 -2.11 36.18 -27.46
C SER A 903 -1.20 35.18 -28.16
N VAL A 904 0.05 35.58 -28.38
CA VAL A 904 1.05 34.71 -29.00
C VAL A 904 1.39 33.57 -28.05
N LEU A 905 1.54 33.90 -26.76
CA LEU A 905 1.87 32.90 -25.75
C LEU A 905 0.77 31.86 -25.68
N VAL A 906 -0.46 32.33 -25.50
CA VAL A 906 -1.60 31.46 -25.42
C VAL A 906 -1.71 30.57 -26.68
N THR A 907 -1.53 31.17 -27.85
CA THR A 907 -1.63 30.42 -29.11
C THR A 907 -0.51 29.41 -29.30
N ILE A 908 0.73 29.78 -28.99
CA ILE A 908 1.84 28.83 -29.11
C ILE A 908 1.65 27.68 -28.10
N GLU A 909 1.09 27.98 -26.93
CA GLU A 909 0.88 26.95 -25.91
C GLU A 909 -0.24 25.99 -26.27
N MET A 910 -1.27 26.48 -26.95
CA MET A 910 -2.35 25.61 -27.37
C MET A 910 -1.77 24.69 -28.43
N CYS A 911 -0.79 25.20 -29.17
CA CYS A 911 -0.11 24.41 -30.21
C CYS A 911 0.89 23.45 -29.58
N ASN A 912 1.61 23.90 -28.55
CA ASN A 912 2.60 23.03 -27.92
C ASN A 912 1.93 21.90 -27.14
N ALA A 913 0.67 22.10 -26.76
CA ALA A 913 -0.10 21.09 -26.03
C ALA A 913 -0.36 19.95 -27.02
N LEU A 914 -0.58 20.32 -28.27
CA LEU A 914 -0.80 19.33 -29.33
C LEU A 914 0.51 18.59 -29.58
N ASN A 915 1.63 19.30 -29.51
CA ASN A 915 2.95 18.70 -29.70
C ASN A 915 3.31 17.85 -28.48
N SER A 916 2.45 17.86 -27.48
CA SER A 916 2.70 17.10 -26.26
C SER A 916 1.96 15.76 -26.19
N LEU A 917 1.02 15.55 -27.10
CA LEU A 917 0.28 14.29 -27.12
C LEU A 917 1.24 13.11 -27.17
N SER A 918 2.34 13.30 -27.89
CA SER A 918 3.35 12.27 -28.02
C SER A 918 4.74 12.90 -28.01
N GLU A 919 5.66 12.26 -27.30
CA GLU A 919 7.01 12.77 -27.20
C GLU A 919 7.72 12.81 -28.56
N ASN A 920 7.66 11.70 -29.30
CA ASN A 920 8.32 11.60 -30.59
C ASN A 920 7.45 11.40 -31.84
N GLN A 921 6.18 11.04 -31.67
CA GLN A 921 5.32 10.84 -32.82
C GLN A 921 4.80 12.16 -33.39
N SER A 922 4.78 12.27 -34.72
CA SER A 922 4.30 13.48 -35.36
C SER A 922 2.78 13.51 -35.32
N LEU A 923 2.22 14.71 -35.48
CA LEU A 923 0.78 14.86 -35.46
C LEU A 923 0.17 14.19 -36.69
N MET A 924 1.04 13.70 -37.58
CA MET A 924 0.60 13.03 -38.80
C MET A 924 0.34 11.55 -38.49
N ARG A 925 1.11 11.01 -37.56
CA ARG A 925 0.98 9.62 -37.14
C ARG A 925 -0.06 9.51 -36.02
N MET A 926 0.00 10.43 -35.08
CA MET A 926 -0.93 10.47 -33.96
C MET A 926 -1.61 11.83 -33.96
N PRO A 927 -2.75 11.95 -34.67
CA PRO A 927 -3.56 13.16 -34.81
C PRO A 927 -4.04 13.76 -33.50
N PRO A 928 -4.35 15.06 -33.51
CA PRO A 928 -4.84 15.82 -32.34
C PRO A 928 -6.12 15.24 -31.77
N TRP A 929 -6.99 14.75 -32.64
CA TRP A 929 -8.28 14.19 -32.21
C TRP A 929 -8.14 12.86 -31.47
N VAL A 930 -6.91 12.40 -31.30
CA VAL A 930 -6.65 11.17 -30.55
C VAL A 930 -7.14 11.37 -29.10
N ASN A 931 -7.11 12.63 -28.65
CA ASN A 931 -7.54 12.98 -27.30
C ASN A 931 -8.56 14.11 -27.45
N ILE A 932 -9.84 13.75 -27.40
CA ILE A 932 -10.91 14.73 -27.56
C ILE A 932 -10.93 15.73 -26.40
N TRP A 933 -10.55 15.28 -25.21
CA TRP A 933 -10.53 16.17 -24.07
C TRP A 933 -9.59 17.34 -24.34
N LEU A 934 -8.45 17.04 -24.97
CA LEU A 934 -7.45 18.06 -25.28
C LEU A 934 -7.98 19.11 -26.26
N LEU A 935 -8.76 18.68 -27.25
CA LEU A 935 -9.32 19.63 -28.20
C LEU A 935 -10.34 20.47 -27.46
N GLY A 936 -11.14 19.79 -26.65
CA GLY A 936 -12.17 20.49 -25.88
C GLY A 936 -11.57 21.52 -24.94
N SER A 937 -10.45 21.17 -24.32
CA SER A 937 -9.80 22.09 -23.38
C SER A 937 -9.26 23.31 -24.13
N ILE A 938 -8.65 23.08 -25.29
CA ILE A 938 -8.12 24.18 -26.07
C ILE A 938 -9.22 25.17 -26.43
N CYS A 939 -10.40 24.65 -26.76
CA CYS A 939 -11.53 25.49 -27.10
C CYS A 939 -11.97 26.29 -25.88
N LEU A 940 -11.93 25.66 -24.71
CA LEU A 940 -12.34 26.34 -23.48
C LEU A 940 -11.34 27.43 -23.08
N SER A 941 -10.05 27.17 -23.29
CA SER A 941 -9.02 28.14 -22.94
C SER A 941 -9.05 29.36 -23.83
N MET A 942 -9.32 29.17 -25.12
CA MET A 942 -9.39 30.29 -26.04
C MET A 942 -10.58 31.17 -25.69
N SER A 943 -11.67 30.53 -25.31
CA SER A 943 -12.88 31.25 -24.93
C SER A 943 -12.60 32.09 -23.70
N LEU A 944 -11.81 31.55 -22.78
CA LEU A 944 -11.46 32.25 -21.57
C LEU A 944 -10.56 33.43 -21.91
N HIS A 945 -9.76 33.28 -22.96
CA HIS A 945 -8.86 34.34 -23.40
C HIS A 945 -9.70 35.52 -23.88
N PHE A 946 -10.61 35.26 -24.80
CA PHE A 946 -11.47 36.31 -25.30
C PHE A 946 -12.27 36.92 -24.14
N LEU A 947 -12.60 36.07 -23.17
CA LEU A 947 -13.34 36.51 -21.98
C LEU A 947 -12.67 37.70 -21.29
N ILE A 948 -11.37 37.59 -21.05
CA ILE A 948 -10.63 38.65 -20.38
C ILE A 948 -10.25 39.78 -21.32
N LEU A 949 -10.66 39.69 -22.58
CA LEU A 949 -10.36 40.71 -23.57
C LEU A 949 -11.56 41.61 -23.85
N TYR A 950 -12.76 41.12 -23.57
CA TYR A 950 -13.97 41.89 -23.82
C TYR A 950 -14.78 42.28 -22.59
N VAL A 951 -14.90 41.39 -21.61
CA VAL A 951 -15.67 41.71 -20.42
C VAL A 951 -14.94 42.76 -19.59
N ASP A 952 -15.11 44.01 -20.02
CA ASP A 952 -14.51 45.20 -19.41
C ASP A 952 -13.74 45.08 -18.10
N PRO A 953 -14.39 44.58 -17.03
CA PRO A 953 -13.64 44.46 -15.78
C PRO A 953 -12.28 43.80 -15.98
N LEU A 954 -12.28 42.67 -16.68
CA LEU A 954 -11.08 41.88 -16.94
C LEU A 954 -9.96 42.54 -17.74
N PRO A 955 -10.24 43.06 -18.94
CA PRO A 955 -9.19 43.69 -19.73
C PRO A 955 -8.45 44.83 -19.03
N MET A 956 -9.10 45.44 -18.05
CA MET A 956 -8.49 46.53 -17.30
C MET A 956 -7.56 45.93 -16.25
N ILE A 957 -8.00 44.82 -15.65
CA ILE A 957 -7.23 44.13 -14.63
C ILE A 957 -5.99 43.46 -15.21
N PHE A 958 -6.11 42.98 -16.44
CA PHE A 958 -5.02 42.30 -17.13
C PHE A 958 -4.24 43.22 -18.06
N LYS A 959 -4.72 44.46 -18.20
CA LYS A 959 -4.08 45.44 -19.08
C LYS A 959 -4.06 44.93 -20.51
N LEU A 960 -5.22 44.53 -21.00
CA LEU A 960 -5.34 44.00 -22.35
C LEU A 960 -6.35 44.79 -23.17
N LYS A 961 -6.27 44.64 -24.50
CA LYS A 961 -7.19 45.31 -25.41
C LYS A 961 -7.48 44.43 -26.61
N ALA A 962 -8.76 44.13 -26.82
CA ALA A 962 -9.20 43.30 -27.93
C ALA A 962 -8.36 43.56 -29.17
N LEU A 963 -7.92 42.50 -29.83
CA LEU A 963 -7.09 42.63 -31.02
C LEU A 963 -7.89 42.76 -32.31
N ASP A 964 -7.27 43.40 -33.29
CA ASP A 964 -7.86 43.61 -34.60
C ASP A 964 -7.75 42.30 -35.37
N LEU A 965 -8.50 42.18 -36.45
CA LEU A 965 -8.47 40.95 -37.25
C LEU A 965 -7.10 40.80 -37.90
N THR A 966 -6.45 41.93 -38.18
CA THR A 966 -5.13 41.93 -38.80
C THR A 966 -4.08 41.54 -37.77
N GLN A 967 -4.26 42.05 -36.56
CA GLN A 967 -3.35 41.75 -35.46
C GLN A 967 -3.42 40.26 -35.12
N TRP A 968 -4.65 39.73 -35.08
CA TRP A 968 -4.84 38.31 -34.78
C TRP A 968 -4.11 37.46 -35.81
N LEU A 969 -4.28 37.78 -37.08
CA LEU A 969 -3.62 37.05 -38.14
C LEU A 969 -2.11 37.05 -37.95
N MET A 970 -1.59 38.14 -37.41
CA MET A 970 -0.16 38.23 -37.17
C MET A 970 0.22 37.27 -36.05
N VAL A 971 -0.71 37.05 -35.12
CA VAL A 971 -0.51 36.14 -34.00
C VAL A 971 -0.36 34.73 -34.55
N LEU A 972 -1.28 34.34 -35.42
CA LEU A 972 -1.24 33.01 -36.02
C LEU A 972 0.03 32.82 -36.85
N LYS A 973 0.48 33.89 -37.50
CA LYS A 973 1.68 33.84 -38.33
C LYS A 973 2.92 33.53 -37.50
N ILE A 974 2.95 33.99 -36.27
CA ILE A 974 4.10 33.77 -35.41
C ILE A 974 3.98 32.51 -34.54
N SER A 975 2.76 32.14 -34.18
CA SER A 975 2.52 30.98 -33.34
C SER A 975 2.52 29.65 -34.09
N LEU A 976 1.54 29.47 -34.97
CA LEU A 976 1.40 28.24 -35.75
C LEU A 976 2.70 27.55 -36.16
N PRO A 977 3.70 28.31 -36.61
CA PRO A 977 4.96 27.69 -37.01
C PRO A 977 5.69 26.90 -35.92
N VAL A 978 5.22 27.00 -34.67
CA VAL A 978 5.87 26.27 -33.59
C VAL A 978 5.67 24.77 -33.81
N ILE A 979 4.55 24.41 -34.41
CA ILE A 979 4.25 23.01 -34.70
C ILE A 979 5.26 22.45 -35.69
N GLY A 980 5.63 23.24 -36.69
CA GLY A 980 6.61 22.78 -37.66
C GLY A 980 7.99 22.59 -37.04
N LEU A 981 8.35 23.50 -36.13
CA LEU A 981 9.64 23.43 -35.45
C LEU A 981 9.75 22.13 -34.66
N ASP A 982 8.73 21.83 -33.88
CA ASP A 982 8.75 20.62 -33.07
C ASP A 982 8.62 19.39 -33.96
N GLU A 983 7.90 19.54 -35.06
CA GLU A 983 7.72 18.43 -35.99
C GLU A 983 9.08 18.03 -36.55
N ILE A 984 9.92 19.01 -36.84
CA ILE A 984 11.25 18.75 -37.37
C ILE A 984 12.16 18.15 -36.31
N LEU A 985 12.05 18.66 -35.08
CA LEU A 985 12.87 18.14 -33.99
C LEU A 985 12.49 16.69 -33.69
N LYS A 986 11.21 16.35 -33.80
CA LYS A 986 10.78 14.99 -33.55
C LYS A 986 11.34 14.09 -34.64
N PHE A 987 11.21 14.53 -35.89
CA PHE A 987 11.69 13.77 -37.03
C PHE A 987 13.15 13.38 -36.82
N ILE A 988 13.95 14.31 -36.33
CA ILE A 988 15.36 14.04 -36.10
C ILE A 988 15.55 13.00 -35.00
N ALA A 989 14.64 13.00 -34.03
CA ALA A 989 14.73 12.04 -32.92
C ALA A 989 14.35 10.63 -33.39
N ARG A 990 13.38 10.54 -34.29
CA ARG A 990 12.94 9.25 -34.80
C ARG A 990 13.88 8.61 -35.84
N ASN A 991 14.41 9.42 -36.74
CA ASN A 991 15.28 8.90 -37.80
C ASN A 991 16.78 8.98 -37.61
N TYR A 992 17.27 9.79 -36.66
CA TYR A 992 18.72 9.88 -36.47
C TYR A 992 19.17 9.73 -35.03
N LEU A 993 18.32 9.11 -34.22
CA LEU A 993 18.62 8.87 -32.82
C LEU A 993 18.18 7.46 -32.41
N GLU A 994 18.58 6.47 -33.20
CA GLU A 994 18.23 5.07 -32.93
C GLU A 994 19.47 4.27 -32.56
N GLY A 995 19.38 3.49 -31.48
CA GLY A 995 20.50 2.68 -31.05
C GLY A 995 20.21 1.86 -29.80
#